data_4EZJ
#
_entry.id   4EZJ
#
_cell.length_a   141.200
_cell.length_b   67.120
_cell.length_c   104.770
_cell.angle_alpha   90.00
_cell.angle_beta   97.03
_cell.angle_gamma   90.00
#
_symmetry.space_group_name_H-M   'C 1 2 1'
#
loop_
_entity.id
_entity.type
_entity.pdbx_description
1 polymer 'Phosphatidylinositol 4,5-bisphosphate 3-kinase catalytic subunit gamma isoform'
2 non-polymer 2-(1-{[2-(5-fluoro-1H-indol-4-yl)-4-(morpholin-4-yl)pyrido[3,2-d]pyrimidin-6-yl]methyl}piperidin-4-yl)propan-2-ol
3 water water
#
_entity_poly.entity_id   1
_entity_poly.type   'polypeptide(L)'
_entity_poly.pdbx_seq_one_letter_code
;MSEESQAFQRQLTALIGYDVTDVSNVHDDELEFTRRGLVTPRMAEVASRDPKLYAMHPWVTSKPLPEYLWKKIANNCIFI
VIHRSTTSQTIKVSPDDTPGAILQSFFTKMAKKKSLMDIPESQSEQDFVLRVCGRDEYLVGETPIKNFQWVRHCLKNGEE
IHVVLDTPPDPALDEVRKEEWPLVDDCTGVTGYHEQLTIHGKDHESVFTVSLWDCDRKFRVKIRGIDIPVLPRNTDLTVF
VEANIQHGQQVLCQRRTSPKPFTEEVLWNVWLEFSIKIKDLPKGALLNLQIYCGKAPALSSKASAESPSSESKGKVQLLY
YVNLLLIDHRFLLRRGEYVLHMWQISGKGEDQGSFNADKLTSATNPDKENSMSISILLDNYCHPIALPKHQPTPDPEGDR
VRAEMPNQLRKQLEAIIATDPLNPLTAEDKELLWHFRYESLKHPKAYPKLFSSVKWGQQEIVAKTYQLLARREVWDQSAL
DVGLTMQLLDCNFSDENVRAIAVQKLESLEDDDVLHYLLQLVQAVKFEPYHDSALARFLLKRGLRNKRIGHFLFWFLRSE
IAQSRHYQQRFAVILEAYLRGCGTAMLHDFTQQVQVIEMLQKVTLDIKSLSAEKYDVSSQVISQLKQKLENLQNSQLPES
FRVPYDPGLKAGALAIEKCTVMASKKKPLWLEFKCADPTALSNETIGIIFKHGDDLRQDMLILQILRIMESIWETESLDL
CLLPYGCISTGDKIGMIEIVKDATTIAKIQQSTVGNTGAFKDEVLNHWLKEKSPTEEKFQAAVERFVYSCAGYCVATFVL
GIGDRHNDNIMITETGNLFHIDFGHILGNYKSFLGINKERVPFVLTPDFLFVMGTSGKKTSPHFQKFQDICVKAYLALRH
HTNLLIILFSMMLMTGMPQLTSKEDIEYIRDALTVGKNEEDAKKYFLDQIEVCRDKGWTVQFNWFLHLVLGIKQGEKHSA
HHHHHH
;
_entity_poly.pdbx_strand_id   A
#
loop_
_chem_comp.id
_chem_comp.type
_chem_comp.name
_chem_comp.formula
0SC non-polymer 2-(1-{[2-(5-fluoro-1H-indol-4-yl)-4-(morpholin-4-yl)pyrido[3,2-d]pyrimidin-6-yl]methyl}piperidin-4-yl)propan-2-ol 'C28 H33 F N6 O2'
#
# COMPACT_ATOMS: atom_id res chain seq x y z
N MET A 1 -25.51 25.81 14.58
CA MET A 1 -24.58 25.46 13.51
C MET A 1 -24.36 26.64 12.57
N SER A 2 -23.09 27.05 12.37
CA SER A 2 -22.72 28.16 11.48
C SER A 2 -22.91 27.77 10.00
N GLU A 3 -23.55 28.66 9.19
CA GLU A 3 -23.80 28.45 7.75
C GLU A 3 -22.51 28.18 6.98
N GLU A 4 -21.39 28.75 7.49
CA GLU A 4 -20.04 28.61 6.94
C GLU A 4 -19.42 27.28 7.39
N SER A 5 -19.80 26.79 8.60
CA SER A 5 -19.33 25.52 9.16
C SER A 5 -20.08 24.38 8.44
N GLN A 6 -21.37 24.63 8.09
CA GLN A 6 -22.24 23.71 7.34
C GLN A 6 -21.66 23.54 5.93
N ALA A 7 -21.16 24.65 5.34
CA ALA A 7 -20.53 24.70 4.03
C ALA A 7 -19.19 23.95 4.07
N PHE A 8 -18.46 24.09 5.20
CA PHE A 8 -17.17 23.43 5.44
C PHE A 8 -17.31 21.90 5.52
N GLN A 9 -18.43 21.38 6.05
CA GLN A 9 -18.67 19.93 6.12
C GLN A 9 -19.07 19.36 4.75
N ARG A 10 -19.81 20.18 3.95
CA ARG A 10 -20.27 19.86 2.60
C ARG A 10 -19.07 19.74 1.67
N GLN A 11 -18.03 20.56 1.94
CA GLN A 11 -16.74 20.59 1.26
C GLN A 11 -16.05 19.28 1.62
N LEU A 12 -15.86 19.04 2.93
CA LEU A 12 -15.25 17.81 3.46
C LEU A 12 -15.92 16.57 2.89
N THR A 13 -17.27 16.48 2.87
CA THR A 13 -18.00 15.32 2.34
C THR A 13 -17.55 14.98 0.92
N ALA A 14 -17.45 16.01 0.04
CA ALA A 14 -17.05 15.86 -1.36
C ALA A 14 -15.57 15.49 -1.48
N LEU A 15 -14.75 15.98 -0.55
CA LEU A 15 -13.34 15.64 -0.52
C LEU A 15 -13.14 14.17 -0.10
N ILE A 16 -13.97 13.69 0.84
CA ILE A 16 -13.95 12.34 1.39
C ILE A 16 -14.60 11.27 0.45
N GLY A 17 -15.79 11.57 -0.07
CA GLY A 17 -16.58 10.66 -0.89
C GLY A 17 -17.55 9.88 -0.03
N TYR A 18 -17.85 10.43 1.15
CA TYR A 18 -18.75 9.86 2.15
C TYR A 18 -19.12 10.94 3.19
N ASP A 19 -20.40 10.93 3.65
CA ASP A 19 -20.90 11.86 4.68
C ASP A 19 -20.76 11.21 6.03
N VAL A 20 -19.88 11.76 6.87
CA VAL A 20 -19.62 11.19 8.20
C VAL A 20 -20.75 11.38 9.18
N THR A 21 -21.60 12.39 8.94
CA THR A 21 -22.76 12.76 9.75
C THR A 21 -23.97 11.85 9.42
N ASP A 22 -23.96 11.17 8.25
CA ASP A 22 -25.01 10.24 7.81
C ASP A 22 -25.11 9.06 8.77
N VAL A 23 -26.31 8.90 9.37
CA VAL A 23 -26.63 7.89 10.39
C VAL A 23 -27.45 6.69 9.91
N SER A 24 -27.55 6.46 8.59
CA SER A 24 -28.36 5.35 8.06
C SER A 24 -27.83 3.94 8.32
N ASN A 25 -26.55 3.79 8.74
CA ASN A 25 -25.99 2.46 8.98
C ASN A 25 -25.17 2.34 10.26
N VAL A 26 -25.82 2.65 11.38
CA VAL A 26 -25.27 2.56 12.73
C VAL A 26 -26.25 1.89 13.73
N HIS A 27 -25.71 1.43 14.88
CA HIS A 27 -26.47 0.79 15.98
C HIS A 27 -25.87 1.22 17.32
N ASP A 28 -24.94 2.19 17.25
CA ASP A 28 -24.26 2.79 18.39
C ASP A 28 -23.70 4.13 17.92
N ASP A 29 -22.94 4.83 18.76
CA ASP A 29 -22.36 6.14 18.45
C ASP A 29 -20.81 6.10 18.35
N GLU A 30 -20.25 4.94 17.97
CA GLU A 30 -18.80 4.77 17.91
C GLU A 30 -18.10 5.70 16.91
N LEU A 31 -18.70 5.87 15.73
CA LEU A 31 -18.16 6.75 14.70
C LEU A 31 -18.15 8.19 15.18
N GLU A 32 -19.31 8.70 15.69
CA GLU A 32 -19.45 10.04 16.28
C GLU A 32 -18.52 10.25 17.47
N PHE A 33 -18.36 9.22 18.31
CA PHE A 33 -17.47 9.25 19.47
C PHE A 33 -16.00 9.38 19.03
N THR A 34 -15.63 8.72 17.89
CA THR A 34 -14.28 8.76 17.30
C THR A 34 -14.07 10.14 16.63
N ARG A 35 -15.12 10.68 15.99
CA ARG A 35 -15.07 12.03 15.40
C ARG A 35 -14.76 13.04 16.50
N ARG A 36 -15.36 12.84 17.68
CA ARG A 36 -15.15 13.63 18.88
C ARG A 36 -13.75 13.37 19.45
N GLY A 37 -13.41 12.10 19.64
CA GLY A 37 -12.14 11.68 20.21
C GLY A 37 -10.89 12.12 19.48
N LEU A 38 -11.02 12.39 18.16
CA LEU A 38 -9.87 12.75 17.32
C LEU A 38 -9.55 14.24 17.26
N VAL A 39 -10.45 15.08 17.84
CA VAL A 39 -10.31 16.54 17.89
C VAL A 39 -9.05 16.89 18.66
N THR A 40 -8.85 16.27 19.82
CA THR A 40 -7.67 16.48 20.66
C THR A 40 -6.33 16.15 19.99
N PRO A 41 -6.08 14.90 19.48
CA PRO A 41 -4.76 14.60 18.86
C PRO A 41 -4.48 15.43 17.61
N ARG A 42 -5.53 15.89 16.88
CA ARG A 42 -5.37 16.78 15.75
C ARG A 42 -4.85 18.13 16.28
N MET A 43 -5.62 18.73 17.23
CA MET A 43 -5.32 20.02 17.84
C MET A 43 -3.93 20.07 18.46
N ALA A 44 -3.54 18.98 19.15
CA ALA A 44 -2.20 18.84 19.74
C ALA A 44 -1.11 18.78 18.69
N GLU A 45 -1.44 18.23 17.49
CA GLU A 45 -0.48 18.09 16.40
C GLU A 45 -0.34 19.39 15.58
N VAL A 46 -1.46 20.12 15.36
CA VAL A 46 -1.42 21.41 14.64
C VAL A 46 -0.62 22.43 15.52
N ALA A 47 -0.89 22.41 16.85
CA ALA A 47 -0.22 23.26 17.82
C ALA A 47 1.28 23.02 17.90
N SER A 48 1.76 21.77 17.74
CA SER A 48 3.20 21.48 17.84
C SER A 48 4.03 21.65 16.57
N ARG A 49 3.38 21.82 15.39
CA ARG A 49 4.14 21.93 14.13
C ARG A 49 4.81 23.27 13.86
N ASP A 50 6.03 23.24 13.26
CA ASP A 50 6.77 24.43 12.85
C ASP A 50 6.09 24.93 11.57
N PRO A 51 5.36 26.09 11.62
CA PRO A 51 4.65 26.56 10.42
C PRO A 51 5.53 26.66 9.19
N LYS A 52 6.80 27.06 9.40
CA LYS A 52 7.84 27.22 8.38
C LYS A 52 8.22 25.88 7.78
N LEU A 53 8.66 24.92 8.62
CA LEU A 53 9.05 23.60 8.14
C LEU A 53 7.91 22.79 7.53
N TYR A 54 6.68 23.05 7.99
CA TYR A 54 5.46 22.44 7.44
C TYR A 54 5.20 22.96 6.03
N ALA A 55 5.40 24.27 5.84
CA ALA A 55 5.21 24.98 4.57
C ALA A 55 6.17 24.49 3.49
N MET A 56 7.40 24.15 3.87
CA MET A 56 8.44 23.75 2.92
C MET A 56 8.70 22.28 2.85
N HIS A 57 8.20 21.53 3.82
CA HIS A 57 8.15 20.08 3.74
C HIS A 57 9.48 19.44 3.35
N PRO A 58 10.61 19.87 3.91
CA PRO A 58 11.88 19.30 3.42
C PRO A 58 11.82 17.77 3.48
N TRP A 59 12.11 17.12 2.36
CA TRP A 59 12.10 15.66 2.27
C TRP A 59 13.57 15.25 2.35
N VAL A 60 13.93 14.53 3.42
CA VAL A 60 15.28 14.10 3.80
C VAL A 60 15.32 12.68 4.40
N THR A 61 16.51 12.27 4.90
CA THR A 61 16.78 10.95 5.50
C THR A 61 18.00 10.95 6.45
N SER A 62 18.03 10.04 7.45
CA SER A 62 19.12 9.84 8.40
C SER A 62 20.04 8.70 7.95
N LYS A 63 19.52 7.81 7.07
CA LYS A 63 20.23 6.65 6.53
C LYS A 63 21.52 7.10 5.85
N PRO A 64 22.60 6.27 5.90
CA PRO A 64 23.85 6.68 5.23
C PRO A 64 23.70 6.74 3.71
N LEU A 65 24.64 7.44 3.06
CA LEU A 65 24.62 7.50 1.61
C LEU A 65 25.10 6.12 1.13
N PRO A 66 24.35 5.42 0.24
CA PRO A 66 24.80 4.08 -0.19
C PRO A 66 26.12 4.13 -0.97
N GLU A 67 26.79 2.96 -1.11
CA GLU A 67 28.05 2.79 -1.83
C GLU A 67 27.92 3.25 -3.28
N TYR A 68 26.85 2.81 -3.98
CA TYR A 68 26.56 3.16 -5.37
C TYR A 68 26.32 4.67 -5.62
N LEU A 69 26.23 5.47 -4.55
CA LEU A 69 26.06 6.92 -4.65
C LEU A 69 27.34 7.69 -4.30
N TRP A 70 28.14 7.15 -3.35
CA TRP A 70 29.43 7.71 -2.95
C TRP A 70 30.39 7.65 -4.13
N LYS A 71 30.45 6.48 -4.82
CA LYS A 71 31.31 6.22 -5.98
C LYS A 71 31.01 7.14 -7.17
N LYS A 72 29.78 7.66 -7.26
CA LYS A 72 29.38 8.59 -8.31
C LYS A 72 29.90 10.01 -8.05
N ILE A 73 30.28 10.32 -6.78
CA ILE A 73 30.86 11.61 -6.36
C ILE A 73 32.39 11.58 -6.65
N ALA A 74 32.88 12.55 -7.43
CA ALA A 74 34.31 12.71 -7.83
C ALA A 74 35.46 13.14 -6.85
N ASN A 75 35.27 14.21 -6.06
CA ASN A 75 36.19 14.56 -4.99
C ASN A 75 35.53 15.39 -3.89
N ASN A 76 34.65 14.76 -3.06
CA ASN A 76 33.89 15.39 -1.96
C ASN A 76 33.24 16.69 -2.46
N CYS A 77 32.86 16.67 -3.74
CA CYS A 77 32.33 17.81 -4.47
C CYS A 77 31.01 17.46 -5.16
N ILE A 78 30.00 18.34 -5.00
CA ILE A 78 28.68 18.22 -5.61
C ILE A 78 28.39 19.55 -6.33
N PHE A 79 27.92 19.48 -7.58
CA PHE A 79 27.58 20.67 -8.36
C PHE A 79 26.09 21.01 -8.29
N ILE A 80 25.78 22.23 -7.83
CA ILE A 80 24.44 22.77 -7.71
C ILE A 80 24.33 24.01 -8.63
N VAL A 81 23.40 23.95 -9.60
CA VAL A 81 23.17 25.04 -10.55
C VAL A 81 22.02 25.92 -10.04
N ILE A 82 22.36 27.05 -9.38
CA ILE A 82 21.39 28.01 -8.81
C ILE A 82 20.95 29.03 -9.88
N HIS A 83 19.64 29.04 -10.20
CA HIS A 83 19.03 29.89 -11.21
C HIS A 83 18.36 31.14 -10.62
N ARG A 84 18.59 32.24 -11.34
CA ARG A 84 17.86 33.48 -11.26
C ARG A 84 17.56 33.88 -12.70
N SER A 85 16.27 34.08 -13.02
CA SER A 85 15.92 34.74 -14.27
C SER A 85 16.63 34.07 -15.44
N THR A 86 17.28 34.90 -16.25
CA THR A 86 18.18 34.44 -17.32
C THR A 86 19.46 33.76 -16.84
N THR A 87 20.07 34.34 -15.82
CA THR A 87 21.35 33.90 -15.25
C THR A 87 21.27 32.58 -14.47
N SER A 88 22.39 31.83 -14.46
CA SER A 88 22.56 30.56 -13.76
C SER A 88 24.04 30.35 -13.45
N GLN A 89 24.38 30.28 -12.15
CA GLN A 89 25.75 30.07 -11.69
C GLN A 89 25.89 28.72 -11.01
N THR A 90 26.90 27.95 -11.42
CA THR A 90 27.20 26.61 -10.89
C THR A 90 28.02 26.78 -9.60
N ILE A 91 27.87 25.84 -8.64
CA ILE A 91 28.62 25.87 -7.38
C ILE A 91 29.08 24.48 -6.86
N LYS A 92 30.38 24.35 -6.56
CA LYS A 92 31.00 23.17 -5.98
C LYS A 92 30.60 23.23 -4.52
N VAL A 93 30.03 22.14 -4.01
CA VAL A 93 29.54 22.03 -2.63
C VAL A 93 30.00 20.70 -2.03
N SER A 94 30.25 20.68 -0.71
CA SER A 94 30.63 19.47 0.02
C SER A 94 29.35 18.69 0.39
N PRO A 95 29.35 17.32 0.35
CA PRO A 95 28.13 16.58 0.74
C PRO A 95 27.55 16.92 2.11
N ASP A 96 28.40 17.41 3.01
CA ASP A 96 28.09 17.75 4.39
C ASP A 96 27.56 19.17 4.57
N ASP A 97 27.62 20.00 3.51
CA ASP A 97 27.17 21.39 3.56
C ASP A 97 25.64 21.49 3.78
N THR A 98 25.23 22.23 4.83
CA THR A 98 23.82 22.45 5.12
C THR A 98 23.29 23.52 4.16
N PRO A 99 21.95 23.57 3.86
CA PRO A 99 21.43 24.60 2.92
C PRO A 99 21.83 26.06 3.19
N GLY A 100 22.03 26.40 4.46
CA GLY A 100 22.46 27.73 4.89
C GLY A 100 23.89 27.99 4.45
N ALA A 101 24.76 26.98 4.65
CA ALA A 101 26.18 27.01 4.27
C ALA A 101 26.36 27.18 2.76
N ILE A 102 25.49 26.53 1.97
CA ILE A 102 25.49 26.59 0.49
C ILE A 102 25.05 28.00 0.02
N LEU A 103 23.97 28.54 0.63
CA LEU A 103 23.43 29.87 0.31
C LEU A 103 24.48 30.97 0.52
N GLN A 104 25.23 30.92 1.64
CA GLN A 104 26.27 31.87 1.98
C GLN A 104 27.48 31.85 1.02
N SER A 105 27.88 30.64 0.56
CA SER A 105 29.00 30.50 -0.39
C SER A 105 28.64 31.03 -1.79
N PHE A 106 27.33 31.06 -2.12
CA PHE A 106 26.81 31.61 -3.37
C PHE A 106 26.70 33.13 -3.22
N PHE A 107 26.25 33.60 -2.02
CA PHE A 107 26.10 35.02 -1.64
C PHE A 107 27.45 35.78 -1.65
N THR A 108 28.57 35.02 -1.55
CA THR A 108 29.94 35.49 -1.58
C THR A 108 30.37 35.66 -3.06
N LYS A 109 30.30 34.58 -3.88
CA LYS A 109 30.68 34.57 -5.30
C LYS A 109 29.91 35.56 -6.19
N GLU A 125 17.18 40.78 3.10
CA GLU A 125 18.41 40.48 2.37
C GLU A 125 18.80 38.99 2.47
N GLN A 126 18.54 38.34 3.63
CA GLN A 126 18.87 36.92 3.79
C GLN A 126 17.70 35.98 4.11
N ASP A 127 16.55 36.23 3.45
CA ASP A 127 15.33 35.42 3.54
C ASP A 127 14.95 34.85 2.15
N PHE A 128 15.92 34.15 1.53
CA PHE A 128 15.81 33.48 0.24
C PHE A 128 16.02 31.98 0.42
N VAL A 129 15.27 31.15 -0.31
CA VAL A 129 15.34 29.69 -0.21
C VAL A 129 15.68 28.99 -1.54
N LEU A 130 16.32 27.80 -1.45
CA LEU A 130 16.70 26.94 -2.59
C LEU A 130 15.54 25.98 -2.92
N ARG A 131 15.08 26.02 -4.18
CA ARG A 131 13.95 25.23 -4.64
C ARG A 131 14.29 24.49 -5.93
N VAL A 132 13.90 23.21 -6.03
CA VAL A 132 14.13 22.42 -7.24
C VAL A 132 13.37 23.02 -8.43
N CYS A 133 14.03 23.09 -9.60
CA CYS A 133 13.43 23.61 -10.82
C CYS A 133 12.37 22.63 -11.34
N GLY A 134 11.15 23.15 -11.53
CA GLY A 134 10.01 22.40 -12.02
C GLY A 134 9.11 21.78 -10.98
N ARG A 135 9.46 21.96 -9.69
CA ARG A 135 8.67 21.38 -8.62
C ARG A 135 8.63 22.11 -7.32
N ASP A 136 7.66 21.74 -6.48
CA ASP A 136 7.47 22.27 -5.15
C ASP A 136 8.23 21.33 -4.21
N GLU A 137 9.56 21.49 -4.22
CA GLU A 137 10.54 20.76 -3.41
C GLU A 137 11.59 21.76 -2.93
N TYR A 138 11.73 21.90 -1.59
CA TYR A 138 12.63 22.86 -0.97
C TYR A 138 13.80 22.19 -0.25
N LEU A 139 15.05 22.55 -0.65
CA LEU A 139 16.29 22.08 0.00
C LEU A 139 16.55 23.05 1.17
N VAL A 140 15.83 22.85 2.28
CA VAL A 140 15.85 23.71 3.45
C VAL A 140 15.99 22.92 4.81
N GLY A 141 16.20 23.66 5.91
CA GLY A 141 16.37 23.09 7.24
C GLY A 141 17.78 22.64 7.47
N GLU A 142 18.11 22.21 8.70
CA GLU A 142 19.47 21.81 9.00
C GLU A 142 19.81 20.32 8.78
N THR A 143 20.08 19.98 7.50
CA THR A 143 20.40 18.62 7.04
C THR A 143 21.56 18.66 6.04
N PRO A 144 22.52 17.70 6.05
CA PRO A 144 23.57 17.72 5.02
C PRO A 144 22.96 17.46 3.65
N ILE A 145 23.47 18.14 2.61
CA ILE A 145 22.96 18.04 1.23
C ILE A 145 22.84 16.59 0.71
N LYS A 146 23.77 15.72 1.11
CA LYS A 146 23.76 14.29 0.72
C LYS A 146 22.49 13.56 1.23
N ASN A 147 21.96 14.03 2.37
CA ASN A 147 20.80 13.50 3.06
C ASN A 147 19.43 13.99 2.54
N PHE A 148 19.40 14.76 1.45
CA PHE A 148 18.16 15.22 0.80
C PHE A 148 17.79 14.21 -0.28
N GLN A 149 16.55 13.67 -0.22
CA GLN A 149 16.07 12.66 -1.16
C GLN A 149 16.12 13.01 -2.65
N TRP A 150 15.95 14.28 -3.00
CA TRP A 150 16.01 14.67 -4.41
C TRP A 150 17.44 14.56 -4.92
N VAL A 151 18.40 14.97 -4.09
CA VAL A 151 19.83 14.93 -4.36
C VAL A 151 20.30 13.51 -4.72
N ARG A 152 19.94 12.50 -3.89
CA ARG A 152 20.27 11.09 -4.05
C ARG A 152 19.61 10.52 -5.29
N HIS A 153 18.37 10.96 -5.55
CA HIS A 153 17.61 10.56 -6.72
C HIS A 153 18.36 10.99 -8.00
N CYS A 154 18.87 12.23 -8.01
CA CYS A 154 19.63 12.78 -9.13
C CYS A 154 20.93 11.99 -9.34
N LEU A 155 21.69 11.74 -8.26
CA LEU A 155 22.94 10.97 -8.26
C LEU A 155 22.77 9.55 -8.85
N LYS A 156 21.68 8.85 -8.47
CA LYS A 156 21.33 7.50 -8.93
C LYS A 156 21.14 7.46 -10.45
N ASN A 157 20.31 8.38 -10.94
CA ASN A 157 19.79 8.34 -12.30
C ASN A 157 20.41 9.36 -13.23
N GLY A 158 21.31 10.16 -12.66
CA GLY A 158 22.19 11.06 -13.40
C GLY A 158 21.96 12.54 -13.73
N GLU A 159 20.95 13.22 -13.18
CA GLU A 159 20.73 14.55 -13.56
C GLU A 159 21.39 15.49 -12.61
N GLU A 160 21.93 16.49 -13.24
CA GLU A 160 22.35 17.77 -12.66
C GLU A 160 21.35 18.30 -11.64
N ILE A 161 21.85 18.88 -10.53
CA ILE A 161 21.00 19.41 -9.46
C ILE A 161 20.71 20.91 -9.66
N HIS A 162 19.60 21.20 -10.36
CA HIS A 162 19.15 22.54 -10.65
C HIS A 162 18.25 23.13 -9.56
N VAL A 163 18.71 24.23 -8.98
CA VAL A 163 18.04 24.99 -7.94
C VAL A 163 17.62 26.33 -8.54
N VAL A 164 16.61 26.96 -7.94
CA VAL A 164 16.11 28.26 -8.37
C VAL A 164 15.68 29.06 -7.14
N LEU A 165 16.60 29.95 -6.70
CA LEU A 165 16.51 30.82 -5.52
C LEU A 165 15.24 31.69 -5.47
N ASP A 166 14.33 31.39 -4.51
CA ASP A 166 13.10 32.17 -4.34
C ASP A 166 12.63 32.41 -2.91
N THR A 167 11.46 33.04 -2.77
CA THR A 167 10.86 33.43 -1.50
C THR A 167 10.26 32.20 -0.80
N PRO A 168 10.55 31.98 0.50
CA PRO A 168 9.93 30.86 1.23
C PRO A 168 8.40 30.99 1.26
N PRO A 169 7.64 29.87 1.12
CA PRO A 169 6.18 29.98 1.13
C PRO A 169 5.64 30.56 2.43
N ASP A 170 4.59 31.36 2.30
CA ASP A 170 3.93 32.05 3.38
C ASP A 170 3.06 31.07 4.20
N PRO A 171 3.46 30.80 5.48
CA PRO A 171 2.68 29.87 6.34
C PRO A 171 1.25 30.27 6.62
N ALA A 172 0.89 31.55 6.33
CA ALA A 172 -0.46 32.11 6.51
C ALA A 172 -1.47 31.30 5.68
N LEU A 173 -1.01 30.85 4.49
CA LEU A 173 -1.74 30.04 3.52
C LEU A 173 -2.11 28.68 4.10
N ASP A 174 -1.35 28.19 5.13
CA ASP A 174 -1.55 26.92 5.85
C ASP A 174 -2.47 27.05 7.08
N GLU A 175 -3.02 28.25 7.33
CA GLU A 175 -3.91 28.52 8.46
C GLU A 175 -4.99 27.46 8.58
N VAL A 176 -5.17 26.94 9.80
CA VAL A 176 -6.18 25.91 10.05
C VAL A 176 -7.40 26.59 10.66
N ARG A 177 -8.58 26.34 10.08
CA ARG A 177 -9.87 26.85 10.54
C ARG A 177 -9.99 26.69 12.07
N LYS A 178 -10.50 27.73 12.77
CA LYS A 178 -10.64 27.79 14.24
C LYS A 178 -11.53 26.68 14.83
N CYS A 215 -19.42 -10.40 38.11
CA CYS A 215 -20.55 -11.03 37.42
C CYS A 215 -20.14 -12.38 36.80
N ASP A 216 -20.45 -13.49 37.51
CA ASP A 216 -20.10 -14.86 37.13
C ASP A 216 -21.10 -15.63 36.27
N ARG A 217 -22.15 -14.93 35.77
CA ARG A 217 -23.15 -15.52 34.89
C ARG A 217 -22.51 -15.90 33.55
N LYS A 218 -22.95 -16.99 32.92
CA LYS A 218 -22.41 -17.39 31.61
C LYS A 218 -23.03 -16.49 30.52
N PHE A 219 -22.25 -16.16 29.46
CA PHE A 219 -22.76 -15.33 28.37
C PHE A 219 -23.74 -16.09 27.48
N ARG A 220 -24.85 -15.43 27.10
CA ARG A 220 -25.83 -16.02 26.20
C ARG A 220 -26.45 -15.04 25.20
N VAL A 221 -26.86 -15.56 24.05
CA VAL A 221 -27.47 -14.83 22.94
C VAL A 221 -28.70 -15.60 22.41
N LYS A 222 -29.81 -14.89 22.15
CA LYS A 222 -30.96 -15.55 21.56
C LYS A 222 -31.01 -15.19 20.10
N ILE A 223 -30.93 -16.22 19.23
CA ILE A 223 -31.05 -16.09 17.78
C ILE A 223 -32.56 -16.14 17.51
N ARG A 224 -33.17 -14.94 17.29
CA ARG A 224 -34.62 -14.77 17.02
C ARG A 224 -34.96 -15.37 15.68
N GLY A 225 -34.30 -14.88 14.64
CA GLY A 225 -34.46 -15.37 13.28
C GLY A 225 -33.59 -14.64 12.29
N ILE A 226 -33.71 -15.05 11.02
CA ILE A 226 -33.01 -14.48 9.86
C ILE A 226 -34.01 -14.08 8.78
N ASP A 227 -33.87 -12.86 8.26
CA ASP A 227 -34.78 -12.36 7.23
C ASP A 227 -34.07 -11.88 5.98
N ILE A 228 -34.58 -12.29 4.84
CA ILE A 228 -34.07 -11.88 3.53
C ILE A 228 -35.25 -11.48 2.63
N PRO A 229 -35.25 -10.26 2.04
CA PRO A 229 -36.37 -9.84 1.17
C PRO A 229 -36.77 -10.81 0.06
N VAL A 230 -35.77 -11.34 -0.70
CA VAL A 230 -36.01 -12.27 -1.81
C VAL A 230 -34.88 -13.30 -2.00
N LEU A 231 -35.24 -14.45 -2.58
CA LEU A 231 -34.33 -15.57 -2.89
C LEU A 231 -34.78 -16.31 -4.18
N PRO A 232 -33.97 -17.22 -4.73
CA PRO A 232 -34.34 -18.06 -5.90
C PRO A 232 -35.34 -19.21 -5.60
N ARG A 233 -36.01 -19.75 -6.61
CA ARG A 233 -36.99 -20.78 -6.29
C ARG A 233 -36.63 -22.11 -6.89
N ASN A 234 -35.87 -22.90 -6.13
CA ASN A 234 -35.18 -22.42 -4.92
C ASN A 234 -33.62 -22.51 -4.79
N THR A 235 -33.02 -23.70 -4.82
CA THR A 235 -33.64 -25.02 -4.69
C THR A 235 -33.63 -25.48 -3.22
N ASP A 236 -34.19 -26.67 -2.96
CA ASP A 236 -34.39 -27.15 -1.59
C ASP A 236 -33.04 -27.28 -0.83
N LEU A 237 -32.73 -26.27 0.02
CA LEU A 237 -31.47 -26.18 0.78
C LEU A 237 -31.68 -26.00 2.30
N THR A 238 -30.68 -26.45 3.10
CA THR A 238 -30.64 -26.36 4.56
C THR A 238 -30.02 -25.02 5.00
N VAL A 239 -30.35 -24.53 6.22
CA VAL A 239 -29.81 -23.27 6.72
C VAL A 239 -29.66 -23.25 8.25
N PHE A 240 -28.49 -22.82 8.77
CA PHE A 240 -28.26 -22.71 10.22
C PHE A 240 -27.36 -21.54 10.60
N VAL A 241 -27.56 -21.04 11.83
CA VAL A 241 -26.84 -19.92 12.43
C VAL A 241 -25.71 -20.42 13.37
N GLU A 242 -24.45 -19.96 13.10
CA GLU A 242 -23.28 -20.27 13.92
C GLU A 242 -22.81 -19.02 14.69
N ALA A 243 -22.91 -19.05 16.01
CA ALA A 243 -22.49 -17.92 16.83
C ALA A 243 -21.11 -18.18 17.46
N ASN A 244 -20.07 -17.43 17.00
CA ASN A 244 -18.71 -17.55 17.52
C ASN A 244 -18.33 -16.37 18.42
N ILE A 245 -17.61 -16.65 19.51
CA ILE A 245 -17.04 -15.59 20.34
C ILE A 245 -15.55 -15.54 19.93
N GLN A 246 -15.18 -14.56 19.08
CA GLN A 246 -13.82 -14.39 18.56
C GLN A 246 -13.09 -13.26 19.25
N HIS A 247 -11.77 -13.33 19.15
CA HIS A 247 -10.79 -12.36 19.62
C HIS A 247 -9.49 -12.76 18.94
N GLY A 248 -9.03 -11.91 18.01
CA GLY A 248 -7.79 -12.07 17.25
C GLY A 248 -7.77 -13.26 16.33
N GLN A 249 -8.92 -13.52 15.66
CA GLN A 249 -9.19 -14.66 14.77
C GLN A 249 -9.27 -16.03 15.46
N GLN A 250 -8.97 -16.07 16.79
CA GLN A 250 -9.05 -17.25 17.64
C GLN A 250 -10.52 -17.43 18.05
N VAL A 251 -11.10 -18.61 17.73
CA VAL A 251 -12.48 -18.94 18.11
C VAL A 251 -12.42 -19.31 19.58
N LEU A 252 -12.99 -18.47 20.46
CA LEU A 252 -12.95 -18.77 21.88
C LEU A 252 -14.00 -19.84 22.23
N CYS A 253 -15.26 -19.60 21.88
CA CYS A 253 -16.40 -20.48 22.10
C CYS A 253 -17.30 -20.51 20.86
N GLN A 254 -18.02 -21.63 20.62
CA GLN A 254 -18.92 -21.80 19.48
C GLN A 254 -20.21 -22.58 19.79
N ARG A 255 -21.35 -22.05 19.32
CA ARG A 255 -22.68 -22.65 19.41
C ARG A 255 -23.36 -22.62 18.03
N ARG A 256 -24.30 -23.54 17.78
CA ARG A 256 -25.03 -23.58 16.51
C ARG A 256 -26.53 -23.89 16.67
N THR A 257 -27.37 -23.32 15.78
CA THR A 257 -28.81 -23.54 15.82
C THR A 257 -29.17 -24.84 15.08
N SER A 258 -30.43 -25.28 15.22
CA SER A 258 -30.96 -26.45 14.55
C SER A 258 -31.16 -26.09 13.07
N PRO A 259 -30.60 -26.87 12.12
CA PRO A 259 -30.81 -26.54 10.69
C PRO A 259 -32.28 -26.57 10.28
N LYS A 260 -32.69 -25.64 9.41
CA LYS A 260 -34.08 -25.51 8.90
C LYS A 260 -34.08 -25.29 7.36
N PRO A 261 -35.21 -25.43 6.62
CA PRO A 261 -35.14 -25.22 5.15
C PRO A 261 -35.01 -23.74 4.82
N PHE A 262 -34.24 -23.45 3.76
CA PHE A 262 -33.98 -22.09 3.35
C PHE A 262 -35.13 -21.39 2.62
N THR A 263 -35.95 -20.67 3.40
CA THR A 263 -37.08 -19.88 2.90
C THR A 263 -36.83 -18.41 3.21
N GLU A 264 -37.59 -17.49 2.56
CA GLU A 264 -37.55 -16.01 2.72
C GLU A 264 -37.59 -15.53 4.19
N GLU A 265 -38.02 -16.40 5.12
CA GLU A 265 -38.02 -16.15 6.55
C GLU A 265 -37.86 -17.45 7.28
N VAL A 266 -36.94 -17.44 8.27
CA VAL A 266 -36.62 -18.56 9.15
C VAL A 266 -36.51 -17.99 10.58
N LEU A 267 -37.10 -18.70 11.53
CA LEU A 267 -37.09 -18.30 12.93
C LEU A 267 -36.76 -19.46 13.88
N TRP A 268 -36.18 -19.14 15.02
CA TRP A 268 -35.80 -20.10 16.05
C TRP A 268 -36.32 -19.68 17.42
N ASN A 269 -35.93 -18.48 17.84
CA ASN A 269 -36.23 -18.01 19.20
C ASN A 269 -35.60 -18.91 20.26
N VAL A 270 -34.42 -19.43 19.93
CA VAL A 270 -33.64 -20.30 20.83
C VAL A 270 -32.47 -19.55 21.44
N TRP A 271 -32.27 -19.73 22.74
CA TRP A 271 -31.13 -19.15 23.44
C TRP A 271 -29.93 -20.07 23.21
N LEU A 272 -28.74 -19.48 22.99
CA LEU A 272 -27.47 -20.19 22.84
C LEU A 272 -26.63 -19.75 24.03
N GLU A 273 -26.52 -20.64 25.04
CA GLU A 273 -25.77 -20.43 26.28
C GLU A 273 -24.30 -20.76 25.98
N PHE A 274 -23.37 -19.84 26.25
CA PHE A 274 -21.93 -20.09 26.02
C PHE A 274 -21.25 -20.45 27.33
N SER A 275 -20.14 -21.20 27.25
CA SER A 275 -19.38 -21.62 28.43
C SER A 275 -18.65 -20.46 29.12
N ILE A 276 -18.07 -19.53 28.33
CA ILE A 276 -17.34 -18.36 28.83
C ILE A 276 -18.24 -17.41 29.66
N LYS A 277 -17.73 -16.92 30.79
CA LYS A 277 -18.44 -16.01 31.68
C LYS A 277 -18.33 -14.55 31.21
N ILE A 278 -19.30 -13.71 31.61
CA ILE A 278 -19.36 -12.27 31.25
C ILE A 278 -18.07 -11.58 31.65
N LYS A 279 -17.65 -11.80 32.91
CA LYS A 279 -16.44 -11.24 33.52
C LYS A 279 -15.19 -11.60 32.70
N ASP A 280 -15.24 -12.76 32.00
CA ASP A 280 -14.18 -13.31 31.19
C ASP A 280 -14.04 -12.82 29.74
N LEU A 281 -15.05 -12.07 29.24
CA LEU A 281 -15.05 -11.50 27.89
C LEU A 281 -13.97 -10.46 27.78
N PRO A 282 -13.02 -10.60 26.81
CA PRO A 282 -11.96 -9.56 26.68
C PRO A 282 -12.43 -8.40 25.82
N LYS A 283 -11.88 -7.20 26.07
CA LYS A 283 -12.17 -6.04 25.21
C LYS A 283 -11.69 -6.38 23.78
N GLY A 284 -12.45 -5.94 22.79
CA GLY A 284 -12.13 -6.22 21.39
C GLY A 284 -12.69 -7.55 20.94
N ALA A 285 -13.40 -8.25 21.82
CA ALA A 285 -14.03 -9.52 21.50
C ALA A 285 -15.24 -9.25 20.68
N LEU A 286 -15.55 -10.18 19.77
CA LEU A 286 -16.66 -10.08 18.83
C LEU A 286 -17.63 -11.22 18.94
N LEU A 287 -18.89 -10.91 18.63
CA LEU A 287 -19.89 -11.93 18.46
C LEU A 287 -19.95 -12.02 16.93
N ASN A 288 -19.51 -13.14 16.38
CA ASN A 288 -19.51 -13.38 14.93
C ASN A 288 -20.61 -14.37 14.59
N LEU A 289 -21.64 -13.88 13.88
CA LEU A 289 -22.81 -14.66 13.50
C LEU A 289 -22.74 -14.98 12.02
N GLN A 290 -22.79 -16.28 11.71
CA GLN A 290 -22.66 -16.80 10.35
C GLN A 290 -23.84 -17.73 9.96
N ILE A 291 -24.15 -17.80 8.64
CA ILE A 291 -25.19 -18.62 8.05
C ILE A 291 -24.57 -19.56 7.01
N TYR A 292 -24.94 -20.87 7.07
CA TYR A 292 -24.42 -21.91 6.17
C TYR A 292 -25.53 -22.66 5.42
N CYS A 293 -25.17 -23.21 4.25
CA CYS A 293 -25.99 -24.02 3.35
C CYS A 293 -25.22 -25.29 2.97
N LEU A 318 -20.82 -21.64 3.90
CA LEU A 318 -20.94 -20.26 4.36
C LEU A 318 -21.51 -19.34 3.29
N LEU A 319 -22.55 -18.59 3.64
CA LEU A 319 -23.22 -17.68 2.71
C LEU A 319 -23.19 -16.23 3.15
N TYR A 320 -23.43 -15.97 4.45
CA TYR A 320 -23.48 -14.62 5.02
C TYR A 320 -22.81 -14.55 6.37
N TYR A 321 -22.34 -13.35 6.73
CA TYR A 321 -21.72 -13.09 8.02
C TYR A 321 -22.02 -11.70 8.50
N VAL A 322 -21.93 -11.48 9.79
CA VAL A 322 -22.06 -10.16 10.44
C VAL A 322 -21.41 -10.21 11.87
N ASN A 323 -20.82 -9.08 12.33
CA ASN A 323 -20.13 -9.01 13.62
C ASN A 323 -20.64 -7.90 14.49
N LEU A 324 -20.54 -8.13 15.79
CA LEU A 324 -20.96 -7.21 16.83
C LEU A 324 -19.95 -7.27 17.92
N LEU A 325 -19.40 -6.13 18.29
CA LEU A 325 -18.44 -6.07 19.40
C LEU A 325 -19.23 -6.26 20.69
N LEU A 326 -18.79 -7.22 21.50
CA LEU A 326 -19.45 -7.53 22.77
C LEU A 326 -19.24 -6.41 23.81
N ILE A 327 -18.01 -5.86 23.87
CA ILE A 327 -17.62 -4.73 24.72
C ILE A 327 -17.64 -3.50 23.79
N ASP A 328 -18.42 -2.47 24.16
CA ASP A 328 -18.53 -1.24 23.39
C ASP A 328 -17.26 -0.35 23.58
N HIS A 329 -17.22 0.85 22.94
CA HIS A 329 -16.11 1.82 23.04
C HIS A 329 -15.99 2.48 24.42
N ARG A 330 -17.12 2.50 25.19
CA ARG A 330 -17.21 3.06 26.55
C ARG A 330 -17.06 1.97 27.61
N PHE A 331 -16.51 0.79 27.20
CA PHE A 331 -16.24 -0.39 28.01
C PHE A 331 -17.50 -1.00 28.63
N LEU A 332 -18.66 -0.88 27.99
CA LEU A 332 -19.94 -1.46 28.47
C LEU A 332 -20.29 -2.70 27.67
N LEU A 333 -21.05 -3.63 28.25
CA LEU A 333 -21.45 -4.84 27.53
C LEU A 333 -22.59 -4.53 26.58
N ARG A 334 -22.64 -5.22 25.45
CA ARG A 334 -23.70 -4.93 24.50
C ARG A 334 -24.99 -5.61 24.92
N ARG A 335 -26.09 -4.83 25.00
CA ARG A 335 -27.38 -5.38 25.41
C ARG A 335 -28.61 -4.75 24.79
N GLY A 336 -29.43 -5.59 24.16
CA GLY A 336 -30.68 -5.17 23.57
C GLY A 336 -31.10 -5.96 22.34
N GLU A 337 -32.12 -5.44 21.66
CA GLU A 337 -32.61 -6.01 20.42
C GLU A 337 -31.65 -5.54 19.33
N TYR A 338 -31.29 -6.44 18.40
CA TYR A 338 -30.37 -6.12 17.31
C TYR A 338 -30.75 -6.70 15.96
N VAL A 339 -31.14 -5.83 15.03
CA VAL A 339 -31.39 -6.26 13.65
C VAL A 339 -30.09 -5.91 12.94
N LEU A 340 -29.45 -6.91 12.33
CA LEU A 340 -28.14 -6.70 11.73
C LEU A 340 -28.12 -7.14 10.30
N HIS A 341 -27.89 -6.18 9.41
CA HIS A 341 -27.79 -6.46 7.98
C HIS A 341 -26.40 -7.02 7.70
N MET A 342 -26.39 -8.19 7.05
CA MET A 342 -25.22 -9.02 6.81
C MET A 342 -24.57 -8.91 5.44
N TRP A 343 -23.29 -9.28 5.40
CA TRP A 343 -22.49 -9.31 4.17
C TRP A 343 -22.58 -10.69 3.58
N GLN A 344 -22.69 -10.77 2.25
CA GLN A 344 -22.72 -12.02 1.52
C GLN A 344 -21.29 -12.39 1.08
N ILE A 345 -21.05 -13.70 0.86
CA ILE A 345 -19.79 -14.28 0.42
C ILE A 345 -19.89 -14.60 -1.08
N SER A 346 -18.89 -14.17 -1.86
CA SER A 346 -18.81 -14.44 -3.30
C SER A 346 -17.69 -15.47 -3.59
N GLY A 347 -18.07 -16.76 -3.58
CA GLY A 347 -17.16 -17.87 -3.83
C GLY A 347 -17.17 -18.35 -5.27
N PHE A 355 -9.43 -15.66 7.27
CA PHE A 355 -9.57 -15.68 5.82
C PHE A 355 -9.18 -14.35 5.18
N ASN A 356 -9.96 -13.26 5.43
CA ASN A 356 -9.66 -11.90 4.97
C ASN A 356 -10.18 -10.81 5.91
N ALA A 357 -9.62 -9.60 5.85
CA ALA A 357 -9.96 -8.45 6.70
C ALA A 357 -11.46 -8.04 6.66
N ASP A 358 -12.16 -8.31 5.53
CA ASP A 358 -13.60 -8.00 5.43
C ASP A 358 -14.46 -8.76 6.41
N LYS A 359 -14.02 -9.95 6.80
CA LYS A 359 -14.70 -10.86 7.72
C LYS A 359 -14.67 -10.40 9.18
N LEU A 360 -13.80 -9.44 9.51
CA LEU A 360 -13.64 -8.94 10.88
C LEU A 360 -14.40 -7.69 11.19
N THR A 361 -14.93 -7.02 10.16
CA THR A 361 -15.65 -5.75 10.27
C THR A 361 -16.83 -5.67 11.25
N SER A 362 -16.84 -4.64 12.09
CA SER A 362 -17.97 -4.43 12.98
C SER A 362 -19.12 -3.70 12.23
N ALA A 363 -18.81 -3.16 11.04
CA ALA A 363 -19.76 -2.42 10.21
C ALA A 363 -20.88 -3.31 9.66
N THR A 364 -22.07 -2.73 9.47
CA THR A 364 -23.20 -3.50 8.92
C THR A 364 -23.46 -3.25 7.44
N ASN A 365 -23.97 -4.22 6.70
CA ASN A 365 -24.24 -4.04 5.28
C ASN A 365 -25.25 -2.88 5.07
N PRO A 366 -24.88 -1.76 4.37
CA PRO A 366 -25.83 -0.63 4.26
C PRO A 366 -27.04 -0.89 3.35
N ASP A 367 -26.94 -1.93 2.51
CA ASP A 367 -28.00 -2.36 1.60
C ASP A 367 -29.16 -3.04 2.36
N LYS A 368 -29.97 -2.25 3.08
CA LYS A 368 -31.12 -2.71 3.86
C LYS A 368 -32.21 -3.33 2.99
N GLU A 369 -32.41 -2.86 1.77
CA GLU A 369 -33.48 -3.46 0.96
C GLU A 369 -33.14 -4.77 0.21
N ASN A 370 -31.85 -5.18 0.17
CA ASN A 370 -31.44 -6.40 -0.56
C ASN A 370 -30.59 -7.40 0.25
N SER A 371 -30.11 -7.01 1.44
CA SER A 371 -29.28 -7.91 2.24
C SER A 371 -30.08 -8.81 3.16
N MET A 372 -29.40 -9.90 3.62
CA MET A 372 -29.89 -10.87 4.60
C MET A 372 -29.74 -10.21 5.96
N SER A 373 -30.75 -10.30 6.80
CA SER A 373 -30.70 -9.71 8.14
C SER A 373 -30.80 -10.80 9.23
N ILE A 374 -30.46 -10.42 10.48
CA ILE A 374 -30.52 -11.30 11.64
C ILE A 374 -30.99 -10.51 12.84
N SER A 375 -32.01 -11.05 13.56
CA SER A 375 -32.54 -10.46 14.79
C SER A 375 -32.02 -11.28 15.91
N ILE A 376 -31.42 -10.63 16.89
CA ILE A 376 -30.82 -11.28 18.04
C ILE A 376 -31.21 -10.52 19.31
N LEU A 377 -31.02 -11.16 20.47
CA LEU A 377 -31.30 -10.53 21.76
C LEU A 377 -30.13 -10.72 22.75
N LEU A 378 -29.75 -9.62 23.43
CA LEU A 378 -28.69 -9.55 24.42
C LEU A 378 -29.21 -8.89 25.70
N ASP A 379 -29.03 -9.54 26.88
CA ASP A 379 -29.51 -9.00 28.18
C ASP A 379 -28.70 -9.51 29.38
N ASN A 380 -27.51 -8.93 29.63
CA ASN A 380 -26.64 -9.35 30.74
C ASN A 380 -26.04 -8.12 31.43
N HIS A 383 -19.48 -4.37 33.40
CA HIS A 383 -18.33 -3.46 33.36
C HIS A 383 -17.03 -4.16 33.80
N PRO A 384 -15.99 -3.94 32.99
CA PRO A 384 -14.63 -4.41 33.21
C PRO A 384 -13.71 -3.30 33.69
N GLU A 404 15.22 -19.82 37.11
CA GLU A 404 15.81 -19.85 35.77
C GLU A 404 15.44 -21.12 35.00
N MET A 405 15.35 -21.00 33.68
CA MET A 405 15.02 -22.07 32.76
C MET A 405 16.09 -23.16 32.74
N PRO A 406 15.69 -24.47 32.72
CA PRO A 406 16.68 -25.54 32.54
C PRO A 406 17.33 -25.44 31.15
N ASN A 407 18.48 -26.10 30.96
CA ASN A 407 19.22 -26.09 29.70
C ASN A 407 18.43 -26.51 28.44
N GLN A 408 17.74 -27.68 28.49
CA GLN A 408 16.98 -28.20 27.34
C GLN A 408 15.70 -27.44 27.01
N LEU A 409 15.00 -26.93 28.03
CA LEU A 409 13.78 -26.20 27.77
C LEU A 409 14.09 -24.84 27.17
N ARG A 410 15.21 -24.22 27.62
CA ARG A 410 15.72 -22.93 27.10
C ARG A 410 16.03 -23.11 25.61
N LYS A 411 16.56 -24.28 25.25
CA LYS A 411 16.88 -24.66 23.87
C LYS A 411 15.58 -24.78 23.07
N GLN A 412 14.56 -25.47 23.64
CA GLN A 412 13.24 -25.68 23.03
C GLN A 412 12.51 -24.35 22.82
N LEU A 413 12.55 -23.46 23.84
CA LEU A 413 11.94 -22.12 23.79
C LEU A 413 12.56 -21.36 22.63
N GLU A 414 13.91 -21.29 22.59
CA GLU A 414 14.68 -20.61 21.57
C GLU A 414 14.48 -21.14 20.16
N ALA A 415 14.19 -22.44 20.01
CA ALA A 415 13.95 -23.07 18.72
C ALA A 415 12.60 -22.62 18.15
N ILE A 416 11.58 -22.48 19.05
CA ILE A 416 10.21 -22.01 18.78
C ILE A 416 10.30 -20.57 18.31
N ILE A 417 10.99 -19.71 19.10
CA ILE A 417 11.20 -18.28 18.85
C ILE A 417 11.80 -18.06 17.46
N ALA A 418 12.77 -18.92 17.09
CA ALA A 418 13.50 -18.90 15.83
C ALA A 418 12.62 -19.12 14.58
N THR A 419 11.48 -19.80 14.72
CA THR A 419 10.61 -20.11 13.58
C THR A 419 9.99 -18.89 12.88
N ASP A 420 9.66 -19.06 11.59
CA ASP A 420 9.03 -18.06 10.74
C ASP A 420 7.61 -17.73 11.28
N PRO A 421 7.08 -16.50 11.04
CA PRO A 421 5.75 -16.14 11.61
C PRO A 421 4.56 -17.00 11.17
N LEU A 422 4.70 -17.73 10.05
CA LEU A 422 3.65 -18.62 9.55
C LEU A 422 3.77 -20.01 10.12
N ASN A 423 4.68 -20.22 11.10
CA ASN A 423 4.85 -21.53 11.72
C ASN A 423 3.80 -21.73 12.83
N PRO A 424 2.99 -22.82 12.75
CA PRO A 424 1.94 -23.01 13.78
C PRO A 424 2.48 -23.39 15.15
N LEU A 425 1.80 -22.92 16.21
CA LEU A 425 2.17 -23.22 17.58
C LEU A 425 1.27 -24.31 18.13
N THR A 426 1.89 -25.36 18.70
CA THR A 426 1.14 -26.45 19.32
C THR A 426 0.79 -26.00 20.74
N ALA A 427 -0.08 -26.77 21.42
CA ALA A 427 -0.46 -26.49 22.81
C ALA A 427 0.80 -26.48 23.67
N GLU A 428 1.75 -27.40 23.34
CA GLU A 428 3.04 -27.61 23.98
C GLU A 428 3.94 -26.37 23.88
N ASP A 429 3.92 -25.67 22.73
CA ASP A 429 4.67 -24.45 22.49
C ASP A 429 4.04 -23.29 23.28
N LYS A 430 2.71 -23.25 23.28
CA LYS A 430 1.94 -22.21 23.98
C LYS A 430 2.14 -22.31 25.49
N GLU A 431 2.14 -23.54 26.03
CA GLU A 431 2.35 -23.77 27.46
C GLU A 431 3.77 -23.46 27.85
N LEU A 432 4.75 -23.75 26.97
CA LEU A 432 6.16 -23.43 27.23
C LEU A 432 6.40 -21.92 27.24
N LEU A 433 5.96 -21.19 26.17
CA LEU A 433 6.05 -19.73 26.00
C LEU A 433 5.39 -19.00 27.17
N TRP A 434 4.19 -19.47 27.59
CA TRP A 434 3.46 -18.86 28.70
C TRP A 434 4.10 -19.11 30.06
N HIS A 435 4.46 -20.36 30.38
CA HIS A 435 5.07 -20.68 31.67
C HIS A 435 6.36 -19.90 31.91
N PHE A 436 7.21 -19.79 30.87
CA PHE A 436 8.44 -19.03 30.92
C PHE A 436 8.25 -17.69 30.18
N ARG A 437 7.12 -16.99 30.47
CA ARG A 437 6.76 -15.68 29.92
C ARG A 437 7.77 -14.58 30.22
N TYR A 438 8.48 -14.67 31.37
CA TYR A 438 9.51 -13.68 31.76
C TYR A 438 10.81 -13.95 31.04
N GLU A 439 10.98 -15.17 30.51
CA GLU A 439 12.15 -15.47 29.72
C GLU A 439 11.87 -15.13 28.26
N SER A 440 10.60 -15.31 27.84
CA SER A 440 10.07 -15.00 26.51
C SER A 440 10.12 -13.49 26.30
N LEU A 441 9.90 -12.72 27.37
CA LEU A 441 9.92 -11.25 27.36
C LEU A 441 11.29 -10.67 27.04
N LYS A 442 12.33 -11.47 27.23
CA LYS A 442 13.72 -11.12 26.97
C LYS A 442 14.08 -11.37 25.49
N HIS A 443 13.05 -11.65 24.67
CA HIS A 443 13.20 -11.86 23.23
C HIS A 443 12.15 -11.04 22.47
N PRO A 444 12.43 -9.77 22.09
CA PRO A 444 11.41 -8.99 21.31
C PRO A 444 10.78 -9.79 20.17
N LYS A 445 11.59 -10.64 19.50
CA LYS A 445 11.15 -11.50 18.41
C LYS A 445 10.16 -12.61 18.85
N ALA A 446 10.09 -12.91 20.16
CA ALA A 446 9.15 -13.86 20.76
C ALA A 446 7.77 -13.25 21.06
N TYR A 447 7.62 -11.92 20.98
CA TYR A 447 6.36 -11.23 21.31
C TYR A 447 5.13 -11.75 20.53
N PRO A 448 5.11 -11.83 19.17
CA PRO A 448 3.96 -12.43 18.50
C PRO A 448 3.59 -13.85 18.97
N LYS A 449 4.53 -14.81 18.92
CA LYS A 449 4.30 -16.19 19.37
C LYS A 449 3.90 -16.24 20.85
N LEU A 450 4.48 -15.36 21.71
CA LEU A 450 4.08 -15.30 23.12
C LEU A 450 2.65 -14.82 23.23
N PHE A 451 2.31 -13.69 22.58
CA PHE A 451 0.97 -13.12 22.64
C PHE A 451 -0.14 -13.94 22.03
N SER A 452 0.22 -14.98 21.26
CA SER A 452 -0.68 -15.97 20.64
C SER A 452 -0.84 -17.18 21.59
N SER A 453 -0.15 -17.18 22.74
CA SER A 453 -0.18 -18.23 23.76
C SER A 453 -0.94 -17.76 25.00
N VAL A 454 -1.58 -16.58 24.89
CA VAL A 454 -2.35 -15.96 25.97
C VAL A 454 -3.77 -16.53 25.97
N LYS A 455 -4.32 -16.81 27.16
CA LYS A 455 -5.68 -17.30 27.35
C LYS A 455 -6.60 -16.06 27.36
N TRP A 456 -6.91 -15.54 26.17
CA TRP A 456 -7.71 -14.32 25.97
C TRP A 456 -9.11 -14.36 26.55
N GLY A 457 -9.71 -15.56 26.57
CA GLY A 457 -11.03 -15.82 27.14
C GLY A 457 -10.98 -16.22 28.61
N GLN A 458 -9.98 -15.68 29.37
CA GLN A 458 -9.75 -15.92 30.80
C GLN A 458 -9.09 -14.70 31.47
N GLN A 459 -9.90 -13.86 32.15
CA GLN A 459 -9.53 -12.59 32.78
C GLN A 459 -8.25 -12.60 33.59
N GLU A 460 -8.03 -13.65 34.40
CA GLU A 460 -6.84 -13.82 35.23
C GLU A 460 -5.58 -13.83 34.40
N ILE A 461 -5.61 -14.50 33.21
CA ILE A 461 -4.46 -14.55 32.31
C ILE A 461 -4.19 -13.17 31.66
N VAL A 462 -5.25 -12.51 31.12
CA VAL A 462 -5.22 -11.16 30.47
C VAL A 462 -4.59 -10.16 31.43
N ALA A 463 -4.94 -10.25 32.72
CA ALA A 463 -4.41 -9.41 33.77
C ALA A 463 -2.91 -9.63 33.98
N LYS A 464 -2.44 -10.92 33.90
CA LYS A 464 -1.02 -11.29 34.09
C LYS A 464 -0.24 -10.85 32.87
N THR A 465 -0.93 -10.81 31.71
CA THR A 465 -0.36 -10.38 30.43
C THR A 465 -0.05 -8.91 30.59
N TYR A 466 -1.00 -8.15 31.17
CA TYR A 466 -0.85 -6.74 31.46
C TYR A 466 0.25 -6.49 32.51
N GLN A 467 0.40 -7.44 33.46
CA GLN A 467 1.45 -7.42 34.49
C GLN A 467 2.84 -7.57 33.85
N LEU A 468 3.00 -8.55 32.95
CA LEU A 468 4.21 -8.83 32.16
C LEU A 468 4.60 -7.60 31.32
N LEU A 469 3.59 -7.00 30.65
CA LEU A 469 3.77 -5.85 29.80
C LEU A 469 4.17 -4.54 30.48
N ALA A 470 3.78 -4.32 31.75
CA ALA A 470 4.12 -3.10 32.52
C ALA A 470 5.63 -2.83 32.58
N ARG A 471 6.45 -3.90 32.74
CA ARG A 471 7.90 -3.79 32.76
C ARG A 471 8.44 -4.26 31.39
N ARG A 472 8.39 -3.34 30.42
CA ARG A 472 8.78 -3.61 29.04
C ARG A 472 10.17 -3.08 28.67
N GLU A 473 11.12 -3.19 29.61
CA GLU A 473 12.48 -2.72 29.45
C GLU A 473 13.11 -3.24 28.15
N VAL A 474 13.00 -4.57 27.90
CA VAL A 474 13.55 -5.24 26.70
C VAL A 474 12.99 -4.63 25.41
N TRP A 475 11.63 -4.59 25.30
CA TRP A 475 10.90 -4.07 24.15
C TRP A 475 11.15 -2.60 23.90
N ASP A 476 11.05 -1.77 24.97
CA ASP A 476 11.28 -0.32 24.87
C ASP A 476 12.68 0.05 24.41
N GLN A 477 13.68 -0.77 24.74
CA GLN A 477 15.10 -0.54 24.40
C GLN A 477 15.51 -1.18 23.08
N SER A 478 14.75 -2.19 22.62
CA SER A 478 15.04 -2.95 21.39
C SER A 478 15.08 -2.11 20.13
N ALA A 479 16.05 -2.44 19.25
CA ALA A 479 16.21 -1.78 17.94
C ALA A 479 14.99 -2.13 17.11
N LEU A 480 14.21 -1.07 16.77
CA LEU A 480 12.96 -1.10 16.01
C LEU A 480 13.00 -2.04 14.81
N ASP A 481 11.96 -2.90 14.71
CA ASP A 481 11.81 -3.89 13.67
C ASP A 481 10.40 -3.79 13.09
N VAL A 482 10.27 -3.10 11.93
CA VAL A 482 9.01 -2.91 11.19
C VAL A 482 8.27 -4.24 11.02
N GLY A 483 8.98 -5.27 10.56
CA GLY A 483 8.42 -6.60 10.37
C GLY A 483 7.75 -7.11 11.62
N LEU A 484 8.49 -7.12 12.72
CA LEU A 484 8.06 -7.55 14.05
C LEU A 484 6.88 -6.69 14.53
N THR A 485 7.05 -5.37 14.48
CA THR A 485 6.04 -4.38 14.86
C THR A 485 4.72 -4.62 14.11
N MET A 486 4.82 -4.99 12.84
CA MET A 486 3.63 -5.22 12.04
C MET A 486 2.93 -6.54 12.28
N GLN A 487 3.67 -7.57 12.76
CA GLN A 487 3.13 -8.87 13.12
C GLN A 487 2.13 -8.68 14.23
N LEU A 488 2.41 -7.72 15.13
CA LEU A 488 1.56 -7.39 16.27
C LEU A 488 0.42 -6.49 15.89
N LEU A 489 0.32 -6.08 14.62
CA LEU A 489 -0.80 -5.25 14.14
C LEU A 489 -1.69 -6.00 13.14
N ASP A 490 -1.50 -7.30 12.94
CA ASP A 490 -2.41 -7.99 12.02
C ASP A 490 -3.64 -8.50 12.72
N CYS A 491 -4.43 -9.35 12.01
CA CYS A 491 -5.67 -9.98 12.48
C CYS A 491 -5.50 -10.84 13.73
N ASN A 492 -4.34 -11.47 13.91
CA ASN A 492 -4.10 -12.35 15.07
C ASN A 492 -4.00 -11.67 16.45
N PHE A 493 -4.13 -10.33 16.53
CA PHE A 493 -4.06 -9.59 17.80
C PHE A 493 -5.22 -8.57 17.91
N SER A 494 -6.12 -8.77 18.89
CA SER A 494 -7.29 -7.91 19.13
C SER A 494 -7.12 -7.05 20.38
N ASP A 495 -6.04 -7.29 21.14
CA ASP A 495 -5.78 -6.57 22.36
C ASP A 495 -5.17 -5.18 22.13
N GLU A 496 -5.78 -4.20 22.79
CA GLU A 496 -5.44 -2.78 22.76
C GLU A 496 -4.01 -2.54 23.24
N ASN A 497 -3.60 -3.21 24.33
CA ASN A 497 -2.27 -3.04 24.89
C ASN A 497 -1.15 -3.63 24.10
N VAL A 498 -1.34 -4.83 23.56
CA VAL A 498 -0.37 -5.51 22.69
C VAL A 498 -0.19 -4.61 21.41
N ARG A 499 -1.32 -4.14 20.82
CA ARG A 499 -1.30 -3.30 19.61
C ARG A 499 -0.67 -1.96 19.84
N ALA A 500 -0.83 -1.40 21.05
CA ALA A 500 -0.23 -0.11 21.44
C ALA A 500 1.30 -0.14 21.54
N ILE A 501 1.91 -1.27 21.96
CA ILE A 501 3.37 -1.44 22.07
C ILE A 501 4.03 -1.47 20.71
N ALA A 502 3.27 -1.89 19.68
CA ALA A 502 3.70 -1.94 18.29
C ALA A 502 3.62 -0.52 17.78
N VAL A 503 2.59 0.23 18.21
CA VAL A 503 2.47 1.64 17.79
C VAL A 503 3.57 2.51 18.48
N GLN A 504 3.99 2.14 19.70
CA GLN A 504 5.04 2.83 20.44
C GLN A 504 6.39 2.79 19.73
N LYS A 505 6.65 1.66 19.05
CA LYS A 505 7.88 1.47 18.29
C LYS A 505 7.81 2.24 16.96
N LEU A 506 6.59 2.35 16.38
CA LEU A 506 6.38 3.10 15.14
C LEU A 506 6.59 4.56 15.33
N GLU A 507 6.38 5.08 16.57
CA GLU A 507 6.59 6.50 16.87
C GLU A 507 8.02 6.95 16.50
N SER A 508 8.99 6.02 16.62
CA SER A 508 10.42 6.20 16.33
C SER A 508 10.77 6.24 14.82
N LEU A 509 9.85 5.76 13.94
CA LEU A 509 10.04 5.74 12.48
C LEU A 509 10.11 7.16 11.89
N GLU A 510 11.14 7.42 11.08
CA GLU A 510 11.27 8.73 10.42
C GLU A 510 10.34 8.87 9.20
N ASP A 511 9.89 10.10 8.88
CA ASP A 511 9.01 10.42 7.73
C ASP A 511 9.28 9.57 6.50
N ASP A 512 10.55 9.34 6.21
CA ASP A 512 11.08 8.55 5.10
C ASP A 512 10.48 7.13 5.11
N ASP A 513 10.56 6.45 6.27
CA ASP A 513 10.09 5.10 6.48
C ASP A 513 8.57 5.04 6.57
N VAL A 514 7.96 6.03 7.26
CA VAL A 514 6.52 6.19 7.35
C VAL A 514 5.99 6.23 5.91
N LEU A 515 6.70 6.91 4.98
CA LEU A 515 6.35 6.91 3.54
C LEU A 515 6.54 5.55 2.83
N HIS A 516 7.36 4.64 3.38
CA HIS A 516 7.58 3.33 2.76
C HIS A 516 6.49 2.36 3.11
N TYR A 517 6.07 2.37 4.38
CA TYR A 517 5.07 1.47 4.93
C TYR A 517 3.71 2.11 5.19
N LEU A 518 3.48 3.37 4.75
CA LEU A 518 2.20 4.09 4.93
C LEU A 518 0.92 3.33 4.50
N LEU A 519 0.92 2.74 3.30
CA LEU A 519 -0.21 1.96 2.74
C LEU A 519 -0.52 0.76 3.64
N GLN A 520 0.50 -0.05 3.96
CA GLN A 520 0.39 -1.22 4.83
C GLN A 520 -0.15 -0.81 6.17
N LEU A 521 0.38 0.30 6.71
CA LEU A 521 -0.10 0.84 7.99
C LEU A 521 -1.59 1.28 7.92
N VAL A 522 -2.01 1.92 6.81
CA VAL A 522 -3.42 2.27 6.56
C VAL A 522 -4.28 0.98 6.45
N GLN A 523 -3.72 -0.08 5.83
CA GLN A 523 -4.41 -1.37 5.66
C GLN A 523 -4.56 -2.04 7.02
N ALA A 524 -3.53 -1.94 7.88
CA ALA A 524 -3.54 -2.52 9.24
C ALA A 524 -4.65 -1.95 10.18
N VAL A 525 -5.32 -0.84 9.77
CA VAL A 525 -6.45 -0.22 10.49
C VAL A 525 -7.70 -1.11 10.31
N LYS A 526 -7.67 -2.01 9.33
CA LYS A 526 -8.75 -2.95 9.07
C LYS A 526 -8.77 -4.07 10.11
N PHE A 527 -7.62 -4.29 10.78
CA PHE A 527 -7.46 -5.33 11.80
C PHE A 527 -7.70 -4.79 13.20
N GLU A 528 -8.11 -3.52 13.29
CA GLU A 528 -8.40 -2.86 14.55
C GLU A 528 -9.82 -3.15 15.07
N PRO A 529 -10.00 -3.62 16.33
CA PRO A 529 -11.37 -3.79 16.86
C PRO A 529 -12.23 -2.49 16.89
N TYR A 530 -11.63 -1.34 17.33
CA TYR A 530 -12.34 -0.05 17.47
C TYR A 530 -11.91 0.99 16.47
N HIS A 531 -12.82 1.94 16.13
CA HIS A 531 -12.55 3.05 15.21
C HIS A 531 -11.42 3.93 15.73
N ASP A 532 -11.56 4.44 16.96
CA ASP A 532 -10.52 5.23 17.62
C ASP A 532 -9.50 4.21 18.18
N SER A 533 -8.23 4.32 17.73
CA SER A 533 -7.17 3.40 18.12
C SER A 533 -5.84 4.12 18.12
N ALA A 534 -4.84 3.52 18.77
CA ALA A 534 -3.50 4.09 18.84
C ALA A 534 -2.92 4.33 17.44
N LEU A 535 -3.08 3.32 16.51
CA LEU A 535 -2.61 3.29 15.13
C LEU A 535 -3.28 4.37 14.28
N ALA A 536 -4.63 4.50 14.38
CA ALA A 536 -5.38 5.54 13.65
C ALA A 536 -4.88 6.94 14.08
N ARG A 537 -4.60 7.12 15.38
CA ARG A 537 -4.08 8.40 15.88
C ARG A 537 -2.64 8.63 15.41
N PHE A 538 -1.86 7.55 15.29
CA PHE A 538 -0.49 7.64 14.80
C PHE A 538 -0.46 8.21 13.37
N LEU A 539 -1.34 7.68 12.49
CA LEU A 539 -1.49 8.07 11.09
C LEU A 539 -2.01 9.50 10.95
N LEU A 540 -2.93 9.91 11.86
CA LEU A 540 -3.42 11.30 11.95
C LEU A 540 -2.24 12.23 12.30
N LYS A 541 -1.48 11.91 13.37
CA LYS A 541 -0.33 12.71 13.79
C LYS A 541 0.67 12.89 12.66
N ARG A 542 1.12 11.77 12.03
CA ARG A 542 2.12 11.81 10.95
C ARG A 542 1.68 12.58 9.73
N GLY A 543 0.44 12.37 9.32
CA GLY A 543 -0.17 13.07 8.20
C GLY A 543 -0.16 14.57 8.41
N LEU A 544 -0.63 15.03 9.60
CA LEU A 544 -0.68 16.44 9.98
C LEU A 544 0.69 17.06 10.15
N ARG A 545 1.68 16.25 10.57
CA ARG A 545 3.05 16.68 10.78
C ARG A 545 3.75 17.03 9.47
N ASN A 546 3.63 16.19 8.43
CA ASN A 546 4.32 16.38 7.16
C ASN A 546 3.36 16.49 5.94
N LYS A 547 3.69 17.32 4.94
CA LYS A 547 2.83 17.52 3.77
C LYS A 547 2.78 16.35 2.78
N ARG A 548 3.93 15.64 2.58
CA ARG A 548 4.00 14.49 1.67
C ARG A 548 3.22 13.32 2.25
N ILE A 549 3.46 12.99 3.54
CA ILE A 549 2.72 11.93 4.22
C ILE A 549 1.19 12.25 4.17
N GLY A 550 0.81 13.50 4.48
CA GLY A 550 -0.59 13.95 4.44
C GLY A 550 -1.34 13.78 3.13
N HIS A 551 -0.62 14.00 2.03
CA HIS A 551 -1.09 13.90 0.65
C HIS A 551 -1.43 12.42 0.34
N PHE A 552 -0.46 11.52 0.57
CA PHE A 552 -0.64 10.10 0.32
C PHE A 552 -1.68 9.45 1.25
N LEU A 553 -1.72 9.86 2.52
CA LEU A 553 -2.68 9.43 3.52
C LEU A 553 -4.06 9.75 2.97
N PHE A 554 -4.27 11.00 2.50
CA PHE A 554 -5.53 11.43 1.89
C PHE A 554 -5.94 10.47 0.79
N TRP A 555 -5.05 10.27 -0.21
CA TRP A 555 -5.32 9.35 -1.31
C TRP A 555 -5.52 7.92 -0.85
N PHE A 556 -4.61 7.41 0.00
CA PHE A 556 -4.73 6.04 0.54
C PHE A 556 -6.07 5.81 1.20
N LEU A 557 -6.48 6.73 2.10
CA LEU A 557 -7.78 6.68 2.78
C LEU A 557 -8.91 6.81 1.82
N ARG A 558 -8.80 7.69 0.79
CA ARG A 558 -9.83 7.91 -0.23
C ARG A 558 -10.08 6.72 -1.12
N SER A 559 -9.03 5.92 -1.41
CA SER A 559 -9.13 4.69 -2.23
C SER A 559 -10.05 3.70 -1.49
N GLU A 560 -9.87 3.57 -0.15
CA GLU A 560 -10.68 2.69 0.69
C GLU A 560 -12.13 3.17 0.89
N ILE A 561 -12.33 4.46 1.17
CA ILE A 561 -13.66 5.04 1.39
C ILE A 561 -14.56 4.85 0.14
N ALA A 562 -13.94 4.95 -1.01
CA ALA A 562 -14.59 4.82 -2.29
C ALA A 562 -14.94 3.37 -2.60
N GLN A 563 -14.09 2.40 -2.21
CA GLN A 563 -14.39 1.04 -2.65
C GLN A 563 -14.44 -0.09 -1.62
N SER A 564 -14.66 0.28 -0.36
CA SER A 564 -14.77 -0.69 0.71
C SER A 564 -15.97 -0.33 1.56
N ARG A 565 -17.10 -1.01 1.31
CA ARG A 565 -18.31 -0.79 2.11
C ARG A 565 -18.04 -1.22 3.55
N HIS A 566 -17.17 -2.25 3.73
CA HIS A 566 -16.77 -2.79 5.03
C HIS A 566 -16.04 -1.82 5.95
N TYR A 567 -15.19 -0.89 5.43
CA TYR A 567 -14.41 0.07 6.25
C TYR A 567 -14.48 1.53 5.83
N GLN A 568 -15.31 1.89 4.87
CA GLN A 568 -15.46 3.29 4.48
C GLN A 568 -15.85 4.24 5.63
N GLN A 569 -16.77 3.78 6.52
CA GLN A 569 -17.28 4.56 7.66
C GLN A 569 -16.15 4.94 8.60
N ARG A 570 -15.28 3.96 8.95
CA ARG A 570 -14.13 4.13 9.83
C ARG A 570 -13.09 5.05 9.18
N PHE A 571 -12.72 4.74 7.93
CA PHE A 571 -11.74 5.50 7.19
C PHE A 571 -12.16 6.96 6.94
N ALA A 572 -13.49 7.20 6.73
CA ALA A 572 -14.05 8.55 6.52
C ALA A 572 -13.80 9.44 7.70
N VAL A 573 -13.94 8.89 8.91
CA VAL A 573 -13.73 9.62 10.16
C VAL A 573 -12.25 10.01 10.29
N ILE A 574 -11.32 9.14 9.85
CA ILE A 574 -9.89 9.46 9.88
C ILE A 574 -9.55 10.56 8.85
N LEU A 575 -10.07 10.45 7.60
CA LEU A 575 -9.89 11.47 6.56
C LEU A 575 -10.42 12.78 7.05
N GLU A 576 -11.69 12.82 7.57
CA GLU A 576 -12.30 14.05 8.13
C GLU A 576 -11.43 14.72 9.18
N ALA A 577 -10.97 13.92 10.16
CA ALA A 577 -10.12 14.38 11.25
C ALA A 577 -8.87 15.03 10.68
N TYR A 578 -8.25 14.39 9.64
CA TYR A 578 -7.04 14.89 8.98
C TYR A 578 -7.33 16.17 8.21
N LEU A 579 -8.42 16.18 7.44
CA LEU A 579 -8.82 17.31 6.60
C LEU A 579 -9.08 18.58 7.41
N ARG A 580 -9.58 18.42 8.66
CA ARG A 580 -9.85 19.50 9.60
C ARG A 580 -8.57 20.12 10.21
N GLY A 581 -7.37 19.61 9.89
CA GLY A 581 -6.11 20.12 10.42
C GLY A 581 -4.94 20.30 9.45
N CYS A 582 -5.10 19.93 8.16
CA CYS A 582 -4.03 20.06 7.14
C CYS A 582 -3.72 21.51 6.70
N GLY A 583 -4.75 22.36 6.71
CA GLY A 583 -4.62 23.77 6.33
C GLY A 583 -5.40 24.11 5.09
N THR A 584 -5.74 25.41 4.93
CA THR A 584 -6.49 25.96 3.80
C THR A 584 -5.82 25.67 2.44
N ALA A 585 -4.50 25.76 2.38
CA ALA A 585 -3.71 25.52 1.18
C ALA A 585 -3.88 24.07 0.68
N MET A 586 -3.76 23.10 1.60
CA MET A 586 -3.91 21.68 1.27
C MET A 586 -5.36 21.32 0.86
N LEU A 587 -6.33 21.95 1.52
CA LEU A 587 -7.73 21.81 1.22
C LEU A 587 -8.01 22.35 -0.20
N HIS A 588 -7.24 23.35 -0.64
CA HIS A 588 -7.42 23.92 -1.97
C HIS A 588 -6.79 22.98 -3.00
N ASP A 589 -5.62 22.42 -2.68
CA ASP A 589 -4.93 21.49 -3.55
C ASP A 589 -5.77 20.29 -3.76
N PHE A 590 -6.32 19.73 -2.66
CA PHE A 590 -7.16 18.54 -2.66
C PHE A 590 -8.44 18.74 -3.42
N THR A 591 -9.07 19.95 -3.33
CA THR A 591 -10.27 20.32 -4.09
C THR A 591 -10.01 20.22 -5.62
N GLN A 592 -8.91 20.84 -6.04
CA GLN A 592 -8.45 20.90 -7.42
C GLN A 592 -8.19 19.49 -8.02
N GLN A 593 -7.46 18.64 -7.30
CA GLN A 593 -7.19 17.27 -7.67
C GLN A 593 -8.51 16.51 -7.84
N VAL A 594 -9.45 16.67 -6.86
CA VAL A 594 -10.75 16.01 -6.85
C VAL A 594 -11.58 16.50 -8.03
N GLN A 595 -11.55 17.82 -8.32
CA GLN A 595 -12.24 18.42 -9.46
C GLN A 595 -11.79 17.77 -10.77
N VAL A 596 -10.48 17.71 -10.99
CA VAL A 596 -9.86 17.08 -12.15
C VAL A 596 -10.31 15.64 -12.29
N ILE A 597 -10.25 14.85 -11.21
CA ILE A 597 -10.64 13.43 -11.18
C ILE A 597 -12.13 13.22 -11.54
N GLU A 598 -13.01 13.99 -10.90
CA GLU A 598 -14.45 13.91 -11.15
C GLU A 598 -14.83 14.31 -12.58
N MET A 599 -14.14 15.32 -13.15
CA MET A 599 -14.37 15.76 -14.52
C MET A 599 -13.85 14.74 -15.51
N LEU A 600 -12.75 13.99 -15.19
CA LEU A 600 -12.21 13.00 -16.13
C LEU A 600 -13.05 11.75 -16.11
N GLN A 601 -13.54 11.39 -14.92
CA GLN A 601 -14.44 10.29 -14.65
C GLN A 601 -15.63 10.41 -15.57
N LYS A 602 -16.23 11.63 -15.66
CA LYS A 602 -17.39 11.99 -16.49
C LYS A 602 -17.07 11.81 -17.97
N VAL A 603 -15.90 12.32 -18.41
CA VAL A 603 -15.39 12.21 -19.77
C VAL A 603 -15.24 10.73 -20.14
N THR A 604 -14.71 9.93 -19.20
CA THR A 604 -14.54 8.49 -19.40
C THR A 604 -15.89 7.80 -19.41
N LEU A 605 -16.82 8.25 -18.54
CA LEU A 605 -18.17 7.68 -18.43
C LEU A 605 -19.07 8.04 -19.64
N ASP A 606 -18.63 9.03 -20.47
CA ASP A 606 -19.31 9.46 -21.69
C ASP A 606 -18.62 8.79 -22.91
N ILE A 607 -17.28 8.94 -23.07
CA ILE A 607 -16.48 8.34 -24.15
C ILE A 607 -16.65 6.80 -24.27
N LYS A 608 -16.77 6.09 -23.12
CA LYS A 608 -16.97 4.64 -23.09
C LYS A 608 -18.47 4.27 -23.20
N SER A 609 -19.37 5.28 -23.17
CA SER A 609 -20.82 5.08 -23.32
C SER A 609 -21.27 4.98 -24.79
N LEU A 610 -20.30 5.08 -25.72
CA LEU A 610 -20.50 4.98 -27.17
C LEU A 610 -19.55 3.93 -27.72
N SER A 611 -18.51 3.56 -26.96
CA SER A 611 -17.82 2.24 -27.08
C SER A 611 -17.11 1.75 -25.79
N ALA A 612 -17.36 0.56 -25.29
CA ALA A 612 -17.39 -0.71 -25.98
C ALA A 612 -15.97 -1.23 -25.81
N GLU A 613 -15.80 -2.55 -25.85
CA GLU A 613 -14.48 -3.14 -25.62
C GLU A 613 -14.27 -4.30 -26.57
N LYS A 614 -13.02 -4.63 -26.86
CA LYS A 614 -12.81 -5.74 -27.79
C LYS A 614 -11.91 -5.22 -28.91
N TYR A 615 -12.15 -5.70 -30.13
CA TYR A 615 -11.41 -5.22 -31.30
C TYR A 615 -11.82 -3.81 -31.68
N ASP A 616 -10.80 -2.96 -31.86
CA ASP A 616 -11.03 -1.63 -32.44
C ASP A 616 -10.81 -0.39 -31.58
N VAL A 617 -10.05 0.53 -32.15
CA VAL A 617 -9.91 1.89 -31.64
C VAL A 617 -10.44 2.71 -32.80
N SER A 618 -11.26 3.71 -32.52
CA SER A 618 -11.95 4.41 -33.61
C SER A 618 -11.54 5.89 -33.66
N SER A 619 -11.49 6.44 -34.86
CA SER A 619 -10.98 7.79 -35.09
C SER A 619 -12.06 8.73 -34.56
N GLN A 620 -13.33 8.27 -34.58
CA GLN A 620 -14.54 8.97 -34.10
C GLN A 620 -14.44 9.18 -32.58
N VAL A 621 -13.94 8.16 -31.85
CA VAL A 621 -13.81 8.20 -30.38
C VAL A 621 -12.74 9.20 -29.98
N ILE A 622 -11.55 9.13 -30.61
CA ILE A 622 -10.43 10.04 -30.35
C ILE A 622 -10.92 11.49 -30.59
N SER A 623 -11.78 11.68 -31.62
CA SER A 623 -12.42 12.93 -32.00
C SER A 623 -13.44 13.36 -30.92
N GLN A 624 -14.24 12.40 -30.44
CA GLN A 624 -15.21 12.63 -29.36
C GLN A 624 -14.48 12.96 -28.03
N LEU A 625 -13.25 12.41 -27.85
CA LEU A 625 -12.42 12.63 -26.67
C LEU A 625 -11.91 14.08 -26.63
N LYS A 626 -11.11 14.48 -27.64
CA LYS A 626 -10.50 15.82 -27.77
C LYS A 626 -11.53 16.93 -27.68
N GLN A 627 -12.76 16.66 -28.17
CA GLN A 627 -13.91 17.57 -28.13
C GLN A 627 -14.26 17.89 -26.69
N LYS A 628 -14.46 16.83 -25.87
CA LYS A 628 -14.82 16.96 -24.46
C LYS A 628 -13.78 17.65 -23.57
N LEU A 629 -12.49 17.46 -23.88
CA LEU A 629 -11.40 18.12 -23.13
C LEU A 629 -11.29 19.59 -23.52
N GLU A 630 -11.55 19.90 -24.81
CA GLU A 630 -11.58 21.28 -25.35
C GLU A 630 -12.71 22.04 -24.68
N ASN A 631 -13.84 21.35 -24.42
CA ASN A 631 -15.01 21.86 -23.72
C ASN A 631 -14.70 22.01 -22.22
N LEU A 632 -13.88 21.08 -21.67
CA LEU A 632 -13.50 21.08 -20.26
C LEU A 632 -12.61 22.25 -19.93
N GLN A 633 -11.52 22.41 -20.69
CA GLN A 633 -10.47 23.39 -20.40
C GLN A 633 -11.00 24.82 -20.40
N ASN A 634 -11.82 25.18 -21.39
CA ASN A 634 -12.71 26.31 -21.20
C ASN A 634 -14.10 25.89 -21.64
N SER A 635 -15.05 25.91 -20.70
CA SER A 635 -14.77 26.11 -19.29
C SER A 635 -15.64 25.11 -18.53
N GLN A 636 -15.33 24.75 -17.29
CA GLN A 636 -14.09 25.10 -16.61
C GLN A 636 -13.61 23.94 -15.73
N LEU A 637 -12.30 23.91 -15.54
CA LEU A 637 -11.58 22.96 -14.68
C LEU A 637 -10.48 23.74 -13.91
N PRO A 638 -9.72 23.14 -12.94
CA PRO A 638 -8.65 23.91 -12.28
C PRO A 638 -7.53 24.29 -13.26
N GLU A 639 -6.91 25.47 -13.07
CA GLU A 639 -5.82 25.98 -13.92
C GLU A 639 -4.62 25.06 -13.81
N SER A 640 -4.28 24.68 -12.57
CA SER A 640 -3.20 23.77 -12.21
C SER A 640 -3.71 22.76 -11.17
N PHE A 641 -2.87 21.75 -10.81
CA PHE A 641 -3.15 20.70 -9.81
C PHE A 641 -1.92 19.86 -9.56
N ARG A 642 -1.76 19.40 -8.31
CA ARG A 642 -0.66 18.49 -7.91
C ARG A 642 -0.96 17.12 -8.39
N VAL A 643 0.00 16.52 -9.06
CA VAL A 643 -0.10 15.19 -9.61
C VAL A 643 -0.23 14.22 -8.40
N PRO A 644 -1.39 13.50 -8.25
CA PRO A 644 -1.58 12.67 -7.05
C PRO A 644 -0.47 11.69 -6.68
N TYR A 645 0.28 11.17 -7.67
CA TYR A 645 1.37 10.23 -7.42
C TYR A 645 2.73 10.92 -7.26
N ASP A 646 2.77 12.22 -7.54
CA ASP A 646 4.00 13.01 -7.50
C ASP A 646 3.57 14.42 -7.05
N PRO A 647 3.30 14.58 -5.71
CA PRO A 647 2.77 15.87 -5.20
C PRO A 647 3.63 17.12 -5.42
N GLY A 648 4.95 16.94 -5.56
CA GLY A 648 5.86 18.03 -5.85
C GLY A 648 5.66 18.64 -7.24
N LEU A 649 5.14 17.83 -8.20
CA LEU A 649 4.82 18.23 -9.57
C LEU A 649 3.46 18.92 -9.63
N LYS A 650 3.35 19.96 -10.46
CA LYS A 650 2.09 20.70 -10.70
C LYS A 650 1.76 20.66 -12.19
N ALA A 651 0.63 20.02 -12.53
CA ALA A 651 0.15 19.87 -13.90
C ALA A 651 -0.64 21.12 -14.28
N GLY A 652 -0.52 21.51 -15.55
CA GLY A 652 -1.20 22.71 -16.03
C GLY A 652 -2.26 22.42 -17.05
N ALA A 653 -2.17 23.12 -18.18
CA ALA A 653 -3.15 22.93 -19.23
C ALA A 653 -2.91 21.63 -19.97
N LEU A 654 -4.01 21.06 -20.46
CA LEU A 654 -4.02 19.86 -21.28
C LEU A 654 -3.41 20.15 -22.66
N ALA A 655 -2.71 19.16 -23.21
CA ALA A 655 -2.14 19.16 -24.53
C ALA A 655 -3.11 18.24 -25.31
N ILE A 656 -4.35 18.71 -25.47
CA ILE A 656 -5.50 18.03 -26.08
C ILE A 656 -5.20 17.17 -27.32
N GLU A 657 -4.27 17.64 -28.17
CA GLU A 657 -3.83 16.97 -29.40
C GLU A 657 -2.96 15.75 -29.10
N LYS A 658 -2.16 15.80 -28.00
CA LYS A 658 -1.32 14.69 -27.55
C LYS A 658 -2.14 13.62 -26.82
N CYS A 659 -3.36 14.01 -26.35
CA CYS A 659 -4.31 13.13 -25.63
C CYS A 659 -5.07 12.25 -26.62
N THR A 660 -5.40 11.01 -26.21
CA THR A 660 -6.08 9.99 -27.02
C THR A 660 -6.80 8.93 -26.15
N VAL A 661 -7.19 7.77 -26.74
CA VAL A 661 -7.86 6.62 -26.07
C VAL A 661 -7.01 5.37 -26.38
N MET A 662 -6.62 4.67 -25.34
CA MET A 662 -5.72 3.54 -25.43
C MET A 662 -6.31 2.23 -25.88
N ALA A 663 -5.39 1.46 -26.41
CA ALA A 663 -5.51 0.35 -27.32
C ALA A 663 -6.15 -0.95 -26.91
N SER A 664 -5.91 -1.39 -25.69
CA SER A 664 -6.17 -2.76 -25.34
C SER A 664 -7.09 -2.92 -24.15
N LYS A 665 -8.36 -2.80 -24.46
CA LYS A 665 -9.38 -3.61 -23.82
C LYS A 665 -10.04 -3.12 -22.54
N LYS A 666 -9.67 -1.96 -22.00
CA LYS A 666 -10.63 -1.41 -21.10
C LYS A 666 -10.41 0.06 -21.02
N LYS A 667 -10.06 0.61 -22.15
CA LYS A 667 -10.33 1.95 -22.58
C LYS A 667 -10.06 3.26 -21.92
N PRO A 668 -8.76 3.29 -21.44
CA PRO A 668 -8.41 4.49 -20.71
C PRO A 668 -7.64 5.53 -21.38
N LEU A 669 -7.74 6.67 -20.74
CA LEU A 669 -7.36 7.90 -21.42
C LEU A 669 -5.86 8.12 -21.29
N TRP A 670 -5.19 8.46 -22.40
CA TRP A 670 -3.76 8.77 -22.46
C TRP A 670 -3.75 10.30 -22.46
N LEU A 671 -3.69 10.90 -21.25
CA LEU A 671 -3.66 12.36 -21.15
C LEU A 671 -2.22 12.92 -21.10
N GLU A 672 -2.05 14.16 -21.58
CA GLU A 672 -0.76 14.85 -21.53
C GLU A 672 -0.98 16.31 -21.12
N PHE A 673 -0.24 16.75 -20.11
CA PHE A 673 -0.38 18.12 -19.58
C PHE A 673 0.92 18.88 -19.64
N LYS A 674 0.80 20.20 -19.80
CA LYS A 674 1.92 21.14 -19.75
C LYS A 674 2.21 21.32 -18.26
N CYS A 675 3.46 21.58 -17.89
CA CYS A 675 3.77 21.76 -16.47
C CYS A 675 3.41 23.18 -16.03
N ALA A 676 2.88 23.31 -14.82
CA ALA A 676 2.44 24.62 -14.30
C ALA A 676 3.61 25.53 -13.88
N ASP A 677 4.78 24.94 -13.55
CA ASP A 677 5.96 25.69 -13.12
C ASP A 677 6.71 26.21 -14.34
N PRO A 678 6.81 27.55 -14.53
CA PRO A 678 7.55 28.06 -15.70
C PRO A 678 9.07 28.04 -15.48
N THR A 679 9.53 27.63 -14.26
CA THR A 679 10.96 27.52 -13.93
C THR A 679 11.48 26.11 -14.22
N ALA A 680 10.64 25.28 -14.89
CA ALA A 680 10.94 23.90 -15.28
C ALA A 680 12.03 23.85 -16.33
N LEU A 681 12.93 22.85 -16.20
CA LEU A 681 14.07 22.62 -17.10
C LEU A 681 13.62 22.30 -18.52
N SER A 682 12.71 21.32 -18.67
CA SER A 682 12.26 20.85 -19.96
C SER A 682 10.87 21.32 -20.33
N ASN A 683 10.60 21.30 -21.64
CA ASN A 683 9.33 21.68 -22.25
C ASN A 683 8.41 20.44 -22.31
N GLU A 684 8.94 19.26 -21.87
CA GLU A 684 8.24 17.97 -21.85
C GLU A 684 6.98 17.95 -21.00
N THR A 685 5.98 17.22 -21.49
CA THR A 685 4.65 17.10 -20.88
C THR A 685 4.63 16.18 -19.67
N ILE A 686 3.53 16.28 -18.95
CA ILE A 686 3.22 15.42 -17.84
C ILE A 686 2.20 14.44 -18.41
N GLY A 687 2.64 13.20 -18.60
CA GLY A 687 1.80 12.15 -19.14
C GLY A 687 1.20 11.32 -18.02
N ILE A 688 -0.14 11.22 -18.01
CA ILE A 688 -0.93 10.46 -17.02
C ILE A 688 -1.95 9.56 -17.74
N ILE A 689 -2.07 8.30 -17.28
CA ILE A 689 -3.11 7.41 -17.78
C ILE A 689 -4.28 7.49 -16.81
N PHE A 690 -5.43 7.95 -17.28
CA PHE A 690 -6.63 7.94 -16.45
C PHE A 690 -7.41 6.67 -16.82
N LYS A 691 -7.39 5.67 -15.92
CA LYS A 691 -8.10 4.39 -16.14
C LYS A 691 -9.39 4.32 -15.35
N HIS A 692 -10.40 3.74 -15.99
CA HIS A 692 -11.72 3.53 -15.42
C HIS A 692 -12.17 2.09 -15.66
N GLY A 693 -13.10 1.62 -14.83
CA GLY A 693 -13.67 0.29 -14.95
C GLY A 693 -12.99 -0.77 -14.09
N ASP A 694 -11.82 -0.45 -13.51
CA ASP A 694 -11.08 -1.38 -12.66
C ASP A 694 -10.66 -0.82 -11.32
N ASP A 695 -10.72 -1.68 -10.28
CA ASP A 695 -10.22 -1.36 -8.96
C ASP A 695 -8.70 -1.43 -9.13
N LEU A 696 -7.96 -0.41 -8.64
CA LEU A 696 -6.50 -0.30 -8.79
C LEU A 696 -5.65 -0.47 -7.51
N ARG A 697 -6.30 -0.73 -6.35
CA ARG A 697 -5.66 -0.89 -5.05
C ARG A 697 -4.56 -1.95 -5.02
N GLN A 698 -4.75 -3.05 -5.75
CA GLN A 698 -3.82 -4.18 -5.85
C GLN A 698 -2.55 -3.79 -6.61
N ASP A 699 -2.69 -3.01 -7.71
CA ASP A 699 -1.60 -2.48 -8.52
C ASP A 699 -0.80 -1.52 -7.64
N MET A 700 -1.52 -0.67 -6.89
CA MET A 700 -0.99 0.32 -5.95
C MET A 700 -0.17 -0.40 -4.87
N LEU A 701 -0.67 -1.55 -4.42
CA LEU A 701 -0.05 -2.41 -3.43
C LEU A 701 1.22 -3.06 -3.97
N ILE A 702 1.16 -3.75 -5.17
CA ILE A 702 2.34 -4.41 -5.80
C ILE A 702 3.52 -3.43 -5.91
N LEU A 703 3.25 -2.25 -6.48
CA LEU A 703 4.24 -1.21 -6.68
C LEU A 703 4.83 -0.71 -5.37
N GLN A 704 4.01 -0.66 -4.29
CA GLN A 704 4.48 -0.25 -2.98
C GLN A 704 5.46 -1.25 -2.40
N ILE A 705 5.15 -2.53 -2.50
CA ILE A 705 6.03 -3.59 -2.00
C ILE A 705 7.34 -3.60 -2.81
N LEU A 706 7.28 -3.23 -4.12
CA LEU A 706 8.47 -3.13 -4.96
C LEU A 706 9.36 -2.01 -4.45
N ARG A 707 8.76 -0.84 -4.09
CA ARG A 707 9.43 0.33 -3.51
C ARG A 707 10.05 -0.06 -2.16
N ILE A 708 9.42 -1.00 -1.44
CA ILE A 708 9.96 -1.53 -0.19
C ILE A 708 11.24 -2.33 -0.52
N MET A 709 11.15 -3.26 -1.50
CA MET A 709 12.29 -4.06 -1.96
C MET A 709 13.53 -3.23 -2.38
N GLU A 710 13.32 -2.08 -3.05
CA GLU A 710 14.43 -1.19 -3.44
C GLU A 710 15.11 -0.66 -2.18
N SER A 711 14.30 -0.28 -1.15
CA SER A 711 14.80 0.24 0.12
C SER A 711 15.49 -0.85 0.90
N ILE A 712 15.04 -2.13 0.74
CA ILE A 712 15.68 -3.26 1.40
C ILE A 712 17.06 -3.39 0.77
N TRP A 713 17.12 -3.45 -0.59
CA TRP A 713 18.36 -3.55 -1.35
C TRP A 713 19.30 -2.41 -1.05
N GLU A 714 18.76 -1.19 -0.82
CA GLU A 714 19.51 0.00 -0.40
C GLU A 714 20.26 -0.28 0.93
N THR A 715 19.56 -0.85 1.95
CA THR A 715 20.16 -1.18 3.26
C THR A 715 21.24 -2.27 3.14
N GLU A 716 21.06 -3.17 2.15
CA GLU A 716 21.98 -4.24 1.78
C GLU A 716 23.00 -3.74 0.73
N SER A 717 23.13 -2.39 0.60
CA SER A 717 24.01 -1.62 -0.29
C SER A 717 23.88 -1.81 -1.82
N LEU A 718 22.84 -2.56 -2.27
CA LEU A 718 22.53 -2.88 -3.66
C LEU A 718 21.57 -1.92 -4.38
N ASP A 719 21.66 -1.87 -5.70
CA ASP A 719 20.79 -1.05 -6.55
C ASP A 719 20.40 -1.84 -7.81
N LEU A 720 19.23 -2.49 -7.73
CA LEU A 720 18.67 -3.33 -8.78
C LEU A 720 17.85 -2.56 -9.83
N CYS A 721 18.03 -1.23 -9.89
CA CYS A 721 17.42 -0.29 -10.85
C CYS A 721 15.94 -0.55 -11.18
N LEU A 722 15.08 -0.79 -10.16
CA LEU A 722 13.65 -1.01 -10.41
C LEU A 722 13.07 0.34 -10.80
N LEU A 723 11.98 0.36 -11.57
CA LEU A 723 11.42 1.64 -11.97
C LEU A 723 10.11 1.94 -11.23
N PRO A 724 10.23 2.74 -10.14
CA PRO A 724 9.04 3.10 -9.37
C PRO A 724 8.30 4.26 -10.04
N TYR A 725 7.20 3.92 -10.69
CA TYR A 725 6.36 4.91 -11.36
C TYR A 725 5.06 5.07 -10.56
N GLY A 726 4.52 6.27 -10.58
CA GLY A 726 3.29 6.62 -9.88
C GLY A 726 2.10 5.81 -10.32
N CYS A 727 1.25 5.45 -9.35
CA CYS A 727 0.00 4.70 -9.57
C CYS A 727 -0.85 4.87 -8.34
N ILE A 728 -1.90 5.70 -8.44
CA ILE A 728 -2.79 6.03 -7.33
C ILE A 728 -4.23 5.74 -7.67
N SER A 729 -4.90 4.95 -6.80
CA SER A 729 -6.34 4.67 -6.86
C SER A 729 -6.98 5.97 -6.33
N THR A 730 -7.81 6.65 -7.14
CA THR A 730 -8.37 7.98 -6.81
C THR A 730 -9.87 8.04 -6.45
N GLY A 731 -10.55 6.91 -6.52
CA GLY A 731 -11.98 6.83 -6.26
C GLY A 731 -12.53 5.47 -6.64
N ASP A 732 -13.85 5.36 -6.80
CA ASP A 732 -14.45 4.08 -7.13
C ASP A 732 -14.14 3.60 -8.54
N LYS A 733 -13.39 2.47 -8.63
CA LYS A 733 -12.96 1.79 -9.86
C LYS A 733 -12.24 2.77 -10.85
N ILE A 734 -11.61 3.81 -10.31
CA ILE A 734 -10.95 4.86 -11.09
C ILE A 734 -9.58 5.20 -10.47
N GLY A 735 -8.66 5.63 -11.32
CA GLY A 735 -7.32 5.95 -10.87
C GLY A 735 -6.41 6.66 -11.85
N MET A 736 -5.15 6.82 -11.44
CA MET A 736 -4.14 7.49 -12.24
C MET A 736 -2.81 6.74 -12.22
N ILE A 737 -2.24 6.55 -13.43
CA ILE A 737 -0.94 5.92 -13.64
C ILE A 737 0.01 6.93 -14.34
N GLU A 738 1.24 7.01 -13.86
CA GLU A 738 2.28 7.85 -14.46
C GLU A 738 2.73 7.23 -15.80
N ILE A 739 2.81 8.07 -16.87
CA ILE A 739 3.34 7.61 -18.16
C ILE A 739 4.89 7.71 -18.13
N VAL A 740 5.57 6.57 -18.24
CA VAL A 740 7.02 6.56 -18.30
C VAL A 740 7.39 6.87 -19.77
N LYS A 741 8.18 7.95 -19.96
CA LYS A 741 8.64 8.41 -21.27
C LYS A 741 9.57 7.41 -21.96
N ASP A 742 9.60 7.45 -23.33
CA ASP A 742 10.41 6.61 -24.23
C ASP A 742 10.36 5.13 -23.87
N ALA A 743 9.14 4.61 -23.59
CA ALA A 743 8.93 3.22 -23.17
C ALA A 743 7.88 2.52 -23.95
N THR A 744 8.21 1.33 -24.44
CA THR A 744 7.26 0.46 -25.14
C THR A 744 7.24 -0.91 -24.47
N THR A 745 6.17 -1.70 -24.71
CA THR A 745 6.00 -3.05 -24.18
C THR A 745 6.94 -4.01 -24.92
N ILE A 746 7.29 -5.16 -24.30
CA ILE A 746 8.19 -6.14 -24.93
C ILE A 746 7.54 -6.74 -26.18
N ALA A 747 6.25 -7.11 -26.06
CA ALA A 747 5.43 -7.64 -27.12
C ALA A 747 5.44 -6.70 -28.34
N LYS A 748 5.35 -5.37 -28.13
CA LYS A 748 5.38 -4.42 -29.24
C LYS A 748 6.71 -4.46 -29.99
N ILE A 749 7.83 -4.82 -29.28
CA ILE A 749 9.15 -4.96 -29.88
C ILE A 749 9.15 -6.22 -30.78
N GLN A 750 8.37 -7.25 -30.38
CA GLN A 750 8.22 -8.47 -31.18
C GLN A 750 7.37 -8.19 -32.43
N GLN A 751 6.28 -7.40 -32.30
CA GLN A 751 5.45 -7.05 -33.45
C GLN A 751 6.06 -5.97 -34.39
N SER A 752 7.19 -5.34 -33.98
CA SER A 752 7.93 -4.34 -34.75
C SER A 752 8.65 -4.99 -35.97
N THR A 753 9.34 -6.12 -35.72
CA THR A 753 10.03 -6.89 -36.76
C THR A 753 9.01 -7.86 -37.37
N VAL A 754 8.48 -8.70 -36.49
CA VAL A 754 7.34 -9.57 -36.72
C VAL A 754 6.03 -8.84 -36.41
N GLY A 755 4.91 -9.56 -36.52
CA GLY A 755 3.59 -8.96 -36.36
C GLY A 755 2.69 -9.65 -35.35
N ASN A 756 1.50 -10.08 -35.80
CA ASN A 756 0.57 -10.76 -34.92
C ASN A 756 0.89 -12.26 -34.83
N THR A 757 2.06 -12.52 -34.29
CA THR A 757 2.53 -13.86 -33.87
C THR A 757 3.40 -13.60 -32.65
N GLY A 758 3.66 -14.60 -31.79
CA GLY A 758 3.62 -16.01 -32.10
C GLY A 758 5.06 -16.47 -32.25
N ALA A 759 5.56 -16.25 -33.46
CA ALA A 759 6.90 -16.60 -33.92
C ALA A 759 7.90 -15.57 -33.36
N PHE A 760 8.36 -15.80 -32.12
CA PHE A 760 9.27 -14.86 -31.44
C PHE A 760 10.75 -15.03 -31.79
N LYS A 761 11.38 -13.90 -32.16
CA LYS A 761 12.78 -13.78 -32.58
C LYS A 761 13.70 -13.33 -31.44
N ASP A 762 14.89 -13.95 -31.37
CA ASP A 762 15.89 -13.71 -30.33
C ASP A 762 16.60 -12.35 -30.40
N GLU A 763 17.01 -11.94 -31.60
CA GLU A 763 17.79 -10.72 -31.85
C GLU A 763 17.07 -9.36 -31.70
N VAL A 764 15.74 -9.33 -31.81
CA VAL A 764 14.93 -8.10 -31.83
C VAL A 764 15.09 -7.06 -30.69
N LEU A 765 15.29 -7.48 -29.41
CA LEU A 765 15.45 -6.53 -28.28
C LEU A 765 16.76 -5.76 -28.37
N ASN A 766 17.91 -6.47 -28.54
CA ASN A 766 19.24 -5.87 -28.75
C ASN A 766 19.21 -4.97 -30.03
N HIS A 767 18.46 -5.39 -31.09
CA HIS A 767 18.28 -4.63 -32.33
C HIS A 767 17.64 -3.27 -32.01
N TRP A 768 16.51 -3.32 -31.25
CA TRP A 768 15.73 -2.17 -30.81
C TRP A 768 16.57 -1.20 -30.00
N LEU A 769 17.36 -1.72 -29.03
CA LEU A 769 18.20 -0.91 -28.15
C LEU A 769 19.31 -0.11 -28.88
N LYS A 770 20.01 -0.73 -29.86
CA LYS A 770 21.03 -0.03 -30.65
C LYS A 770 20.39 1.00 -31.57
N GLU A 771 19.19 0.70 -32.12
CA GLU A 771 18.44 1.63 -32.97
C GLU A 771 18.03 2.89 -32.18
N LYS A 772 17.69 2.70 -30.89
CA LYS A 772 17.24 3.75 -29.98
C LYS A 772 18.38 4.45 -29.24
N SER A 773 19.55 3.79 -29.11
CA SER A 773 20.70 4.41 -28.45
C SER A 773 21.43 5.30 -29.46
N PRO A 774 21.53 6.65 -29.21
CA PRO A 774 22.19 7.54 -30.19
C PRO A 774 23.67 7.19 -30.43
N THR A 775 24.43 7.02 -29.34
CA THR A 775 25.85 6.68 -29.38
C THR A 775 26.07 5.22 -28.96
N GLU A 776 27.24 4.64 -29.31
CA GLU A 776 27.63 3.29 -28.90
C GLU A 776 27.95 3.31 -27.38
N GLU A 777 28.28 4.51 -26.85
CA GLU A 777 28.53 4.75 -25.42
C GLU A 777 27.20 4.55 -24.66
N LYS A 778 26.10 5.14 -25.20
CA LYS A 778 24.74 5.04 -24.64
C LYS A 778 24.18 3.64 -24.72
N PHE A 779 24.57 2.86 -25.74
CA PHE A 779 24.13 1.47 -25.90
C PHE A 779 24.72 0.57 -24.82
N GLN A 780 25.98 0.84 -24.39
CA GLN A 780 26.65 0.05 -23.35
C GLN A 780 26.03 0.32 -21.98
N ALA A 781 25.59 1.58 -21.74
CA ALA A 781 24.92 2.06 -20.52
C ALA A 781 23.52 1.40 -20.44
N ALA A 782 22.81 1.36 -21.61
CA ALA A 782 21.51 0.73 -21.83
C ALA A 782 21.57 -0.80 -21.64
N VAL A 783 22.70 -1.43 -22.03
CA VAL A 783 22.90 -2.88 -21.88
C VAL A 783 23.13 -3.24 -20.38
N GLU A 784 23.89 -2.39 -19.66
CA GLU A 784 24.15 -2.57 -18.23
C GLU A 784 22.85 -2.31 -17.40
N ARG A 785 22.10 -1.20 -17.72
CA ARG A 785 20.83 -0.85 -17.09
C ARG A 785 19.83 -1.99 -17.31
N PHE A 786 19.90 -2.66 -18.47
CA PHE A 786 19.04 -3.80 -18.75
C PHE A 786 19.36 -4.97 -17.83
N VAL A 787 20.64 -5.35 -17.74
CA VAL A 787 21.15 -6.47 -16.93
C VAL A 787 20.68 -6.32 -15.47
N TYR A 788 20.90 -5.14 -14.86
CA TYR A 788 20.50 -4.81 -13.48
C TYR A 788 18.98 -4.84 -13.31
N SER A 789 18.24 -4.08 -14.16
CA SER A 789 16.79 -4.05 -14.08
C SER A 789 16.14 -5.39 -14.35
N CYS A 790 16.65 -6.17 -15.34
CA CYS A 790 16.15 -7.53 -15.60
C CYS A 790 16.32 -8.38 -14.35
N ALA A 791 17.51 -8.32 -13.71
CA ALA A 791 17.81 -9.06 -12.48
C ALA A 791 16.83 -8.70 -11.34
N GLY A 792 16.65 -7.39 -11.11
CA GLY A 792 15.74 -6.83 -10.10
C GLY A 792 14.31 -7.36 -10.18
N TYR A 793 13.72 -7.35 -11.40
CA TYR A 793 12.37 -7.86 -11.66
C TYR A 793 12.32 -9.35 -11.63
N CYS A 794 13.43 -10.04 -11.95
CA CYS A 794 13.48 -11.52 -11.86
C CYS A 794 13.33 -11.99 -10.42
N VAL A 795 14.04 -11.34 -9.47
CA VAL A 795 13.94 -11.67 -8.04
C VAL A 795 12.63 -11.17 -7.42
N ALA A 796 12.35 -9.84 -7.52
CA ALA A 796 11.14 -9.20 -6.96
C ALA A 796 9.85 -9.88 -7.36
N THR A 797 9.66 -10.13 -8.68
CA THR A 797 8.46 -10.81 -9.20
C THR A 797 8.37 -12.25 -8.69
N PHE A 798 9.53 -12.92 -8.60
CA PHE A 798 9.61 -14.29 -8.11
C PHE A 798 9.14 -14.37 -6.66
N VAL A 799 9.70 -13.50 -5.79
CA VAL A 799 9.35 -13.46 -4.36
C VAL A 799 7.83 -13.28 -4.16
N LEU A 800 7.24 -12.30 -4.88
CA LEU A 800 5.79 -12.03 -4.80
C LEU A 800 4.89 -13.06 -5.49
N GLY A 801 5.47 -13.95 -6.30
CA GLY A 801 4.76 -15.02 -7.00
C GLY A 801 3.91 -14.54 -8.14
N ILE A 802 4.44 -13.57 -8.91
CA ILE A 802 3.78 -12.92 -10.05
C ILE A 802 4.74 -12.83 -11.27
N GLY A 803 5.81 -13.64 -11.28
CA GLY A 803 6.83 -13.69 -12.34
C GLY A 803 6.32 -14.14 -13.70
N ASP A 804 5.32 -15.05 -13.70
CA ASP A 804 4.70 -15.60 -14.91
C ASP A 804 3.64 -14.67 -15.54
N ARG A 805 4.13 -13.67 -16.30
CA ARG A 805 3.33 -12.67 -17.03
C ARG A 805 3.60 -12.79 -18.55
N HIS A 806 2.69 -12.27 -19.36
CA HIS A 806 2.83 -12.01 -20.78
C HIS A 806 3.74 -10.85 -21.14
N ASN A 807 4.51 -10.91 -22.23
CA ASN A 807 5.38 -9.78 -22.58
C ASN A 807 4.72 -8.43 -22.92
N ASP A 808 3.40 -8.42 -23.07
CA ASP A 808 2.68 -7.18 -23.30
C ASP A 808 2.59 -6.42 -21.94
N ASN A 809 2.79 -7.16 -20.82
CA ASN A 809 2.77 -6.62 -19.47
C ASN A 809 4.16 -6.28 -18.99
N ILE A 810 5.19 -6.50 -19.84
CA ILE A 810 6.56 -6.11 -19.47
C ILE A 810 6.98 -5.02 -20.41
N MET A 811 7.40 -3.88 -19.85
CA MET A 811 7.83 -2.71 -20.62
C MET A 811 9.34 -2.43 -20.47
N ILE A 812 9.91 -1.61 -21.38
CA ILE A 812 11.32 -1.18 -21.39
C ILE A 812 11.48 0.25 -21.94
N THR A 813 12.39 1.00 -21.33
CA THR A 813 12.74 2.36 -21.71
C THR A 813 13.83 2.29 -22.75
N GLU A 814 13.95 3.32 -23.59
CA GLU A 814 14.98 3.41 -24.61
C GLU A 814 16.39 3.43 -24.01
N THR A 815 16.48 3.54 -22.68
CA THR A 815 17.72 3.56 -21.90
C THR A 815 18.01 2.21 -21.25
N GLY A 816 17.29 1.18 -21.67
CA GLY A 816 17.49 -0.18 -21.17
C GLY A 816 16.75 -0.55 -19.90
N ASN A 817 15.95 0.37 -19.31
CA ASN A 817 15.22 0.07 -18.06
C ASN A 817 13.96 -0.76 -18.23
N LEU A 818 14.01 -2.04 -17.79
CA LEU A 818 12.88 -2.96 -17.79
C LEU A 818 11.99 -2.60 -16.57
N PHE A 819 10.66 -2.82 -16.70
CA PHE A 819 9.65 -2.58 -15.68
C PHE A 819 8.35 -3.29 -16.06
N HIS A 820 7.45 -3.56 -15.08
CA HIS A 820 6.18 -4.30 -15.27
C HIS A 820 4.97 -3.41 -15.17
N ILE A 821 3.92 -3.73 -15.93
CA ILE A 821 2.67 -2.98 -15.89
C ILE A 821 1.48 -3.88 -15.58
N ASP A 822 0.29 -3.28 -15.45
CA ASP A 822 -0.99 -3.99 -15.46
C ASP A 822 -1.20 -5.17 -14.49
N PHE A 823 -0.90 -5.01 -13.21
CA PHE A 823 -0.91 -6.17 -12.32
C PHE A 823 -2.29 -6.65 -11.97
N GLY A 824 -3.31 -5.80 -12.13
CA GLY A 824 -4.68 -6.18 -11.81
C GLY A 824 -5.09 -7.55 -12.36
N GLU A 839 2.20 -25.38 -19.02
CA GLU A 839 3.54 -24.91 -18.71
C GLU A 839 3.57 -23.60 -17.93
N ARG A 840 4.49 -23.50 -16.95
CA ARG A 840 4.72 -22.35 -16.06
C ARG A 840 6.23 -22.06 -15.90
N VAL A 841 6.59 -20.81 -15.51
CA VAL A 841 7.98 -20.36 -15.27
C VAL A 841 8.14 -19.56 -13.97
N PRO A 842 9.37 -19.48 -13.37
CA PRO A 842 9.52 -18.65 -12.16
C PRO A 842 9.39 -17.16 -12.45
N PHE A 843 9.99 -16.70 -13.57
CA PHE A 843 9.96 -15.31 -14.01
C PHE A 843 10.16 -15.22 -15.53
N VAL A 844 10.35 -14.01 -16.06
CA VAL A 844 10.58 -13.83 -17.48
C VAL A 844 12.04 -13.50 -17.76
N LEU A 845 12.75 -14.49 -18.28
CA LEU A 845 14.14 -14.45 -18.68
C LEU A 845 14.17 -15.26 -20.00
N THR A 846 13.53 -14.64 -21.01
CA THR A 846 13.33 -15.15 -22.36
C THR A 846 14.60 -15.07 -23.24
N PRO A 847 14.62 -15.77 -24.41
CA PRO A 847 15.83 -15.75 -25.27
C PRO A 847 16.24 -14.37 -25.77
N ASP A 848 15.26 -13.43 -25.86
CA ASP A 848 15.49 -12.04 -26.28
C ASP A 848 16.23 -11.27 -25.20
N PHE A 849 16.00 -11.59 -23.92
CA PHE A 849 16.70 -10.94 -22.80
C PHE A 849 18.13 -11.47 -22.74
N LEU A 850 18.28 -12.81 -22.85
CA LEU A 850 19.57 -13.50 -22.82
C LEU A 850 20.46 -13.10 -23.98
N PHE A 851 19.84 -12.79 -25.14
CA PHE A 851 20.58 -12.31 -26.32
C PHE A 851 21.24 -10.95 -26.07
N VAL A 852 20.61 -10.10 -25.22
CA VAL A 852 21.14 -8.78 -24.85
C VAL A 852 22.35 -9.00 -23.93
N MET A 853 22.29 -10.06 -23.11
CA MET A 853 23.36 -10.43 -22.18
C MET A 853 24.56 -11.07 -22.90
N GLY A 854 24.35 -11.52 -24.15
CA GLY A 854 25.39 -12.12 -24.99
C GLY A 854 25.35 -13.64 -25.07
N THR A 855 24.23 -14.25 -24.66
CA THR A 855 24.07 -15.71 -24.68
C THR A 855 22.92 -16.19 -25.58
N SER A 856 22.95 -17.49 -25.93
CA SER A 856 21.95 -18.16 -26.77
C SER A 856 22.07 -19.67 -26.57
N GLY A 857 21.09 -20.25 -25.85
CA GLY A 857 21.01 -21.67 -25.53
C GLY A 857 22.24 -22.24 -24.85
N LYS A 858 22.40 -21.97 -23.54
CA LYS A 858 23.53 -22.43 -22.69
C LYS A 858 24.94 -22.00 -23.15
N LYS A 859 25.04 -20.79 -23.77
CA LYS A 859 26.29 -20.19 -24.24
C LYS A 859 26.68 -19.04 -23.30
N THR A 860 27.02 -19.34 -22.01
CA THR A 860 27.43 -18.38 -20.97
C THR A 860 28.36 -17.25 -21.47
N SER A 861 28.00 -15.98 -21.12
CA SER A 861 28.71 -14.75 -21.54
C SER A 861 29.18 -13.90 -20.33
N PRO A 862 30.05 -12.84 -20.47
CA PRO A 862 30.45 -12.06 -19.28
C PRO A 862 29.33 -11.21 -18.65
N HIS A 863 28.27 -10.86 -19.44
CA HIS A 863 27.12 -10.08 -18.93
C HIS A 863 26.05 -10.97 -18.31
N PHE A 864 25.93 -12.24 -18.77
CA PHE A 864 25.00 -13.21 -18.18
C PHE A 864 25.56 -13.67 -16.83
N GLN A 865 26.91 -13.72 -16.74
CA GLN A 865 27.67 -14.06 -15.53
C GLN A 865 27.46 -12.92 -14.52
N LYS A 866 27.49 -11.66 -15.03
CA LYS A 866 27.27 -10.40 -14.30
C LYS A 866 25.88 -10.48 -13.69
N PHE A 867 24.86 -10.75 -14.57
CA PHE A 867 23.44 -10.93 -14.28
C PHE A 867 23.17 -11.92 -13.13
N GLN A 868 23.55 -13.23 -13.30
CA GLN A 868 23.38 -14.31 -12.29
C GLN A 868 23.83 -13.92 -10.90
N ASP A 869 24.97 -13.20 -10.82
CA ASP A 869 25.57 -12.73 -9.59
C ASP A 869 24.75 -11.62 -8.95
N ILE A 870 24.20 -10.68 -9.77
CA ILE A 870 23.36 -9.59 -9.26
C ILE A 870 22.08 -10.23 -8.67
N CYS A 871 21.47 -11.20 -9.41
CA CYS A 871 20.30 -12.00 -9.02
C CYS A 871 20.50 -12.63 -7.66
N VAL A 872 21.56 -13.47 -7.53
CA VAL A 872 21.92 -14.17 -6.30
C VAL A 872 22.22 -13.20 -5.12
N LYS A 873 23.00 -12.12 -5.36
CA LYS A 873 23.27 -11.08 -4.35
C LYS A 873 21.96 -10.42 -3.90
N ALA A 874 21.05 -10.13 -4.85
CA ALA A 874 19.73 -9.52 -4.61
C ALA A 874 18.77 -10.48 -3.87
N TYR A 875 18.85 -11.79 -4.21
CA TYR A 875 18.02 -12.83 -3.61
C TYR A 875 18.38 -13.04 -2.13
N LEU A 876 19.67 -13.27 -1.83
CA LEU A 876 20.15 -13.44 -0.44
C LEU A 876 19.88 -12.18 0.40
N ALA A 877 19.94 -10.98 -0.24
CA ALA A 877 19.66 -9.68 0.38
C ALA A 877 18.23 -9.57 0.90
N LEU A 878 17.24 -10.13 0.16
CA LEU A 878 15.82 -10.12 0.54
C LEU A 878 15.59 -11.20 1.58
N ARG A 879 16.38 -12.29 1.51
CA ARG A 879 16.27 -13.41 2.45
C ARG A 879 16.61 -13.01 3.88
N HIS A 880 17.50 -12.01 4.05
CA HIS A 880 17.87 -11.47 5.36
C HIS A 880 16.70 -10.71 6.01
N HIS A 881 15.59 -10.50 5.27
CA HIS A 881 14.40 -9.75 5.69
C HIS A 881 13.13 -10.58 5.43
N THR A 882 13.25 -11.90 5.60
CA THR A 882 12.23 -12.91 5.37
C THR A 882 10.91 -12.64 6.10
N ASN A 883 10.98 -12.45 7.42
CA ASN A 883 9.82 -12.23 8.28
C ASN A 883 9.03 -10.96 7.94
N LEU A 884 9.74 -9.90 7.47
CA LEU A 884 9.17 -8.62 7.02
C LEU A 884 8.35 -8.89 5.74
N LEU A 885 8.96 -9.57 4.74
CA LEU A 885 8.34 -9.92 3.47
C LEU A 885 7.14 -10.83 3.66
N ILE A 886 7.26 -11.84 4.53
CA ILE A 886 6.17 -12.75 4.89
C ILE A 886 4.98 -11.94 5.47
N ILE A 887 5.21 -11.04 6.45
CA ILE A 887 4.15 -10.24 7.04
C ILE A 887 3.52 -9.26 6.05
N LEU A 888 4.33 -8.68 5.16
CA LEU A 888 3.88 -7.75 4.12
C LEU A 888 3.02 -8.52 3.11
N PHE A 889 3.44 -9.75 2.76
CA PHE A 889 2.71 -10.62 1.84
C PHE A 889 1.36 -11.13 2.44
N SER A 890 1.35 -11.45 3.75
CA SER A 890 0.15 -11.92 4.46
C SER A 890 -0.89 -10.80 4.50
N MET A 891 -0.47 -9.59 4.91
CA MET A 891 -1.30 -8.40 5.02
C MET A 891 -1.92 -7.98 3.70
N MET A 892 -1.15 -8.12 2.62
CA MET A 892 -1.52 -7.83 1.23
C MET A 892 -2.64 -8.76 0.78
N LEU A 893 -2.53 -10.07 1.03
CA LEU A 893 -3.59 -11.01 0.67
C LEU A 893 -4.87 -10.84 1.50
N MET A 894 -4.74 -10.33 2.73
CA MET A 894 -5.86 -10.18 3.66
C MET A 894 -6.67 -8.93 3.44
N THR A 895 -6.01 -7.85 3.04
CA THR A 895 -6.58 -6.51 2.85
C THR A 895 -6.66 -6.06 1.40
N GLY A 896 -5.83 -6.64 0.54
CA GLY A 896 -5.77 -6.29 -0.88
C GLY A 896 -6.79 -6.98 -1.75
N MET A 897 -6.71 -8.33 -1.78
CA MET A 897 -7.57 -9.22 -2.58
C MET A 897 -8.78 -9.74 -1.75
N PRO A 898 -9.82 -10.42 -2.36
CA PRO A 898 -10.94 -10.96 -1.54
C PRO A 898 -10.57 -12.18 -0.64
N GLN A 899 -11.33 -13.32 -0.69
CA GLN A 899 -11.06 -14.47 0.20
C GLN A 899 -9.86 -15.38 -0.15
N LEU A 900 -8.82 -15.38 0.73
CA LEU A 900 -7.60 -16.18 0.54
C LEU A 900 -7.27 -17.05 1.74
N THR A 901 -6.73 -18.26 1.47
CA THR A 901 -6.38 -19.23 2.49
C THR A 901 -5.20 -18.85 3.37
N SER A 902 -5.46 -18.83 4.68
CA SER A 902 -4.43 -18.59 5.69
C SER A 902 -3.74 -19.92 5.91
N LYS A 903 -3.15 -20.37 4.83
CA LYS A 903 -2.32 -21.55 4.74
C LYS A 903 -1.50 -22.23 3.64
N GLU A 904 -2.08 -22.36 2.44
CA GLU A 904 -1.47 -22.44 1.09
C GLU A 904 -1.14 -21.13 0.30
N ASP A 905 -2.07 -20.17 0.27
CA ASP A 905 -1.86 -18.86 -0.37
C ASP A 905 -0.70 -18.12 0.27
N ILE A 906 -0.67 -18.05 1.62
CA ILE A 906 0.40 -17.37 2.33
C ILE A 906 1.71 -18.19 2.27
N GLU A 907 1.61 -19.53 2.33
CA GLU A 907 2.74 -20.46 2.33
C GLU A 907 3.70 -20.37 1.15
N TYR A 908 3.27 -19.80 0.00
CA TYR A 908 4.14 -19.65 -1.18
C TYR A 908 5.40 -18.86 -0.83
N ILE A 909 5.23 -17.67 -0.19
CA ILE A 909 6.31 -16.76 0.19
C ILE A 909 7.46 -17.45 0.91
N ARG A 910 7.14 -18.38 1.83
CA ARG A 910 8.08 -19.20 2.60
C ARG A 910 8.98 -20.04 1.66
N ASP A 911 8.33 -20.82 0.76
CA ASP A 911 8.94 -21.70 -0.24
C ASP A 911 9.84 -20.90 -1.16
N ALA A 912 9.30 -19.77 -1.69
CA ALA A 912 10.01 -18.84 -2.56
C ALA A 912 11.24 -18.26 -1.87
N LEU A 913 11.13 -17.92 -0.57
CA LEU A 913 12.23 -17.36 0.23
C LEU A 913 13.21 -18.40 0.79
N THR A 914 12.95 -19.71 0.55
CA THR A 914 13.74 -20.85 1.03
C THR A 914 14.03 -20.78 2.51
N VAL A 915 12.95 -20.84 3.31
CA VAL A 915 12.95 -20.76 4.77
C VAL A 915 13.55 -22.02 5.37
N GLY A 916 14.59 -21.83 6.17
CA GLY A 916 15.28 -22.91 6.87
C GLY A 916 16.43 -23.52 6.09
N LYS A 917 16.97 -22.76 5.12
CA LYS A 917 18.10 -23.21 4.29
C LYS A 917 19.29 -22.28 4.44
N ASN A 918 20.50 -22.82 4.21
CA ASN A 918 21.76 -22.06 4.27
C ASN A 918 21.87 -21.18 3.02
N GLU A 919 22.83 -20.24 2.98
CA GLU A 919 22.97 -19.34 1.84
C GLU A 919 23.35 -20.05 0.54
N GLU A 920 24.14 -21.13 0.64
CA GLU A 920 24.62 -21.91 -0.49
C GLU A 920 23.53 -22.69 -1.21
N ASP A 921 22.55 -23.22 -0.47
CA ASP A 921 21.43 -23.98 -1.04
C ASP A 921 20.48 -23.00 -1.74
N ALA A 922 20.33 -21.79 -1.15
CA ALA A 922 19.51 -20.68 -1.67
C ALA A 922 20.13 -20.13 -2.94
N LYS A 923 21.49 -19.97 -2.94
CA LYS A 923 22.28 -19.53 -4.09
C LYS A 923 22.00 -20.49 -5.27
N LYS A 924 21.94 -21.79 -4.98
CA LYS A 924 21.66 -22.85 -5.93
C LYS A 924 20.21 -22.70 -6.40
N TYR A 925 19.24 -22.73 -5.44
CA TYR A 925 17.79 -22.63 -5.69
C TYR A 925 17.42 -21.64 -6.79
N PHE A 926 17.96 -20.40 -6.68
CA PHE A 926 17.71 -19.32 -7.63
C PHE A 926 18.35 -19.56 -8.98
N LEU A 927 19.57 -20.17 -9.02
CA LEU A 927 20.27 -20.47 -10.27
C LEU A 927 19.54 -21.53 -11.09
N ASP A 928 18.82 -22.44 -10.40
CA ASP A 928 17.99 -23.49 -11.00
C ASP A 928 16.82 -22.82 -11.71
N GLN A 929 16.21 -21.80 -11.04
CA GLN A 929 15.07 -21.01 -11.54
C GLN A 929 15.47 -20.31 -12.84
N ILE A 930 16.68 -19.69 -12.89
CA ILE A 930 17.28 -19.06 -14.06
C ILE A 930 17.31 -20.10 -15.22
N GLU A 931 17.72 -21.36 -14.91
CA GLU A 931 17.80 -22.47 -15.87
C GLU A 931 16.41 -22.98 -16.37
N VAL A 932 15.32 -22.91 -15.55
CA VAL A 932 13.96 -23.31 -15.97
C VAL A 932 13.51 -22.33 -17.08
N CYS A 933 13.99 -21.06 -16.98
CA CYS A 933 13.73 -19.98 -17.94
C CYS A 933 14.52 -20.21 -19.24
N ARG A 934 15.69 -20.88 -19.13
CA ARG A 934 16.59 -21.23 -20.23
C ARG A 934 16.06 -22.48 -20.95
N ASP A 935 15.42 -23.38 -20.18
CA ASP A 935 14.82 -24.64 -20.65
C ASP A 935 13.57 -24.37 -21.47
N LYS A 936 12.63 -23.57 -20.90
CA LYS A 936 11.35 -23.27 -21.54
C LYS A 936 11.43 -22.22 -22.64
N GLY A 937 12.51 -21.42 -22.65
CA GLY A 937 12.74 -20.36 -23.62
C GLY A 937 11.53 -19.47 -23.93
N TRP A 938 10.95 -19.68 -25.12
CA TRP A 938 9.79 -18.94 -25.63
C TRP A 938 8.48 -19.69 -25.44
N THR A 939 8.53 -20.96 -24.99
CA THR A 939 7.34 -21.80 -24.83
C THR A 939 6.19 -21.15 -24.08
N VAL A 940 6.43 -20.69 -22.82
CA VAL A 940 5.43 -20.05 -21.93
C VAL A 940 4.80 -18.77 -22.56
N GLN A 941 5.66 -17.90 -23.16
CA GLN A 941 5.24 -16.71 -23.89
C GLN A 941 4.31 -17.05 -25.04
N PHE A 942 4.63 -18.12 -25.80
CA PHE A 942 3.81 -18.61 -26.93
C PHE A 942 2.42 -19.06 -26.45
N ASN A 943 2.38 -19.78 -25.31
CA ASN A 943 1.13 -20.26 -24.73
C ASN A 943 0.25 -19.10 -24.27
N TRP A 944 0.88 -18.04 -23.65
CA TRP A 944 0.21 -16.81 -23.20
C TRP A 944 -0.45 -16.13 -24.40
N PHE A 945 0.33 -15.96 -25.49
CA PHE A 945 -0.06 -15.38 -26.77
C PHE A 945 -1.29 -16.08 -27.41
N LEU A 946 -1.46 -17.39 -27.15
CA LEU A 946 -2.58 -18.14 -27.71
C LEU A 946 -3.83 -17.99 -26.85
N HIS A 947 -3.66 -17.94 -25.52
CA HIS A 947 -4.76 -17.79 -24.57
C HIS A 947 -5.30 -16.34 -24.54
N LEU A 948 -4.40 -15.34 -24.39
CA LEU A 948 -4.75 -13.92 -24.29
C LEU A 948 -5.28 -13.31 -25.59
N VAL A 949 -4.52 -13.46 -26.71
CA VAL A 949 -4.87 -12.93 -28.03
C VAL A 949 -6.15 -13.59 -28.61
N LEU A 950 -6.23 -14.95 -28.61
CA LEU A 950 -7.40 -15.65 -29.15
C LEU A 950 -7.77 -16.98 -28.48
N GLY A 951 -8.57 -16.89 -27.38
CA GLY A 951 -9.15 -17.96 -26.53
C GLY A 951 -8.39 -19.29 -26.44
F 0SC B . -3.49 0.17 -18.59
C24 0SC B . -2.90 0.02 -17.40
C23 0SC B . -3.68 -0.42 -16.35
C22 0SC B . -3.09 -0.63 -15.11
C21 0SC B . -1.73 -0.39 -14.96
N5 0SC B . -0.88 -0.63 -13.91
C20 0SC B . 0.39 -0.31 -14.28
C19 0SC B . 0.39 0.16 -15.56
C18 0SC B . -0.98 0.10 -16.01
C17 0SC B . -1.55 0.32 -17.30
C16 0SC B . -0.67 0.54 -18.51
N4 0SC B . -1.05 0.00 -19.65
C13 0SC B . -0.28 0.26 -20.75
C12 0SC B . -0.54 -0.44 -21.95
C11 0SC B . 0.25 -0.28 -23.04
N3 0SC B . 0.35 1.38 -18.35
C15 0SC B . 1.12 1.75 -19.39
N6 0SC B . 2.14 2.73 -19.12
C28 0SC B . 2.70 3.64 -20.14
C27 0SC B . 4.17 3.82 -19.88
O1 0SC B . 4.43 4.29 -18.55
C26 0SC B . 3.90 3.36 -17.59
C25 0SC B . 2.43 3.16 -17.76
C14 0SC B . 0.86 1.15 -20.70
N2 0SC B . 1.61 1.27 -21.86
C10 0SC B . 1.34 0.59 -22.95
C9 0SC B . 2.26 0.79 -24.13
N1 0SC B . 1.72 1.73 -25.13
C6 0SC B . 2.37 1.58 -26.44
C5 0SC B . 1.59 2.39 -27.50
C7 0SC B . 1.86 3.11 -24.71
C8 0SC B . 1.01 4.02 -25.61
C4 0SC B . 1.33 3.87 -27.10
C2 0SC B . 0.29 4.58 -28.02
O2 0SC B . -0.99 3.93 -27.84
C3 0SC B . 0.10 6.04 -27.65
C1 0SC B . 0.63 4.45 -29.50
#